data_6UVK
#
_entry.id   6UVK
#
_cell.length_a   123.054
_cell.length_b   123.054
_cell.length_c   161.329
_cell.angle_alpha   90.000
_cell.angle_beta   90.000
_cell.angle_gamma   120.000
#
_symmetry.space_group_name_H-M   'P 65'
#
loop_
_entity.id
_entity.type
_entity.pdbx_description
1 polymer Beta-lactamase
2 non-polymer '1-{4-[4-(2-ethoxyphenyl)piperazin-1-yl]-1,3,5-triazin-2-yl}piperidine-4-carboxylic acid'
3 non-polymer 1,2-ETHANEDIOL
4 non-polymer GLYCEROL
5 non-polymer 'CHLORIDE ION'
6 water water
#
_entity_poly.entity_id   1
_entity_poly.type   'polypeptide(L)'
_entity_poly.pdbx_seq_one_letter_code
;GHMWQENKSWNAHFTEHKSQGVVVLWNENKQQGFTNNLKRANQAFLPASTF(KCX)IPNSLIALDLGVVKDEHQVFKWDG
QTRDIATWNRDHNLITAMKYSVVPVYQEFARQIGEARMSKMLHAFDYGNEDISGNVDSFWLDGGIRISATEQISFLRKLY
HNKLHVSERSQRIVKQAMLTEANGDYIIRAKTGYSTRIEPKIGWWVGWVELDDNVWFFAMNMDMPTSDGLGLRQAITKEV
LKQEKIIP
;
_entity_poly.pdbx_strand_id   A,B,C,D
#
loop_
_chem_comp.id
_chem_comp.type
_chem_comp.name
_chem_comp.formula
CL non-polymer 'CHLORIDE ION' 'Cl -1'
EDO non-polymer 1,2-ETHANEDIOL 'C2 H6 O2'
GOL non-polymer GLYCEROL 'C3 H8 O3'
QHY non-polymer '1-{4-[4-(2-ethoxyphenyl)piperazin-1-yl]-1,3,5-triazin-2-yl}piperidine-4-carboxylic acid' 'C21 H28 N6 O3'
#
# COMPACT_ATOMS: atom_id res chain seq x y z
N MET A 3 27.87 -16.22 -15.40
CA MET A 3 26.84 -16.81 -14.56
C MET A 3 25.59 -17.15 -15.38
N TRP A 4 24.90 -16.13 -15.88
CA TRP A 4 23.65 -16.32 -16.61
C TRP A 4 23.86 -16.17 -18.11
N GLN A 5 23.02 -16.87 -18.87
CA GLN A 5 23.12 -16.94 -20.33
C GLN A 5 21.72 -17.07 -20.92
N GLU A 6 21.41 -16.24 -21.90
CA GLU A 6 20.09 -16.24 -22.53
C GLU A 6 20.11 -17.10 -23.79
N ASN A 7 19.28 -18.15 -23.80
CA ASN A 7 19.13 -19.06 -24.93
C ASN A 7 17.75 -18.78 -25.54
N LYS A 8 17.70 -17.87 -26.51
CA LYS A 8 16.43 -17.50 -27.15
C LYS A 8 15.73 -18.68 -27.82
N SER A 9 16.46 -19.75 -28.14
CA SER A 9 15.86 -20.81 -28.94
C SER A 9 14.74 -21.54 -28.20
N TRP A 10 14.72 -21.51 -26.87
CA TRP A 10 13.66 -22.20 -26.14
C TRP A 10 12.29 -21.55 -26.34
N ASN A 11 12.24 -20.32 -26.84
CA ASN A 11 10.96 -19.66 -27.07
C ASN A 11 10.10 -20.42 -28.07
N ALA A 12 10.71 -21.20 -28.96
CA ALA A 12 9.95 -22.02 -29.89
C ALA A 12 9.07 -23.03 -29.17
N HIS A 13 9.52 -23.55 -28.03
CA HIS A 13 8.69 -24.48 -27.27
C HIS A 13 7.47 -23.80 -26.68
N PHE A 14 7.53 -22.49 -26.47
CA PHE A 14 6.38 -21.75 -25.97
C PHE A 14 5.43 -21.39 -27.11
N THR A 15 5.98 -20.93 -28.25
CA THR A 15 5.15 -20.47 -29.35
C THR A 15 4.39 -21.61 -30.01
N GLU A 16 5.03 -22.76 -30.18
CA GLU A 16 4.34 -23.90 -30.78
C GLU A 16 3.20 -24.40 -29.91
N HIS A 17 3.14 -24.01 -28.63
CA HIS A 17 2.05 -24.39 -27.74
C HIS A 17 1.11 -23.22 -27.43
N LYS A 18 1.17 -22.15 -28.23
CA LYS A 18 0.26 -21.02 -28.09
C LYS A 18 0.44 -20.32 -26.75
N SER A 19 1.70 -20.15 -26.33
CA SER A 19 2.00 -19.82 -24.95
C SER A 19 3.14 -18.81 -24.90
N GLN A 20 3.42 -18.36 -23.68
CA GLN A 20 4.47 -17.41 -23.33
C GLN A 20 4.89 -17.65 -21.89
N GLY A 21 6.19 -17.60 -21.65
CA GLY A 21 6.69 -17.79 -20.32
C GLY A 21 8.19 -17.82 -20.29
N VAL A 22 8.72 -18.32 -19.18
CA VAL A 22 10.16 -18.40 -18.96
C VAL A 22 10.51 -19.75 -18.37
N VAL A 23 11.64 -20.31 -18.80
CA VAL A 23 12.27 -21.45 -18.17
C VAL A 23 13.65 -21.01 -17.71
N VAL A 24 14.04 -21.42 -16.51
CA VAL A 24 15.35 -21.08 -15.96
C VAL A 24 16.02 -22.37 -15.50
N LEU A 25 17.21 -22.66 -16.03
CA LEU A 25 17.98 -23.82 -15.64
C LEU A 25 19.27 -23.40 -14.97
N TRP A 26 19.76 -24.24 -14.05
CA TRP A 26 21.01 -23.98 -13.35
C TRP A 26 21.81 -25.28 -13.28
N ASN A 27 22.95 -25.30 -13.95
CA ASN A 27 23.90 -26.41 -13.92
C ASN A 27 24.72 -26.32 -12.63
N GLU A 28 24.56 -27.30 -11.74
CA GLU A 28 25.17 -27.19 -10.42
C GLU A 28 26.68 -27.43 -10.48
N ASN A 29 27.11 -28.46 -11.20
CA ASN A 29 28.54 -28.72 -11.36
C ASN A 29 29.26 -27.50 -11.92
N LYS A 30 28.75 -26.96 -13.03
CA LYS A 30 29.43 -25.87 -13.73
C LYS A 30 29.12 -24.51 -13.15
N GLN A 31 28.07 -24.40 -12.33
CA GLN A 31 27.67 -23.12 -11.72
C GLN A 31 27.31 -22.10 -12.80
N GLN A 32 26.56 -22.55 -13.81
CA GLN A 32 26.11 -21.70 -14.90
C GLN A 32 24.59 -21.78 -15.03
N GLY A 33 23.96 -20.65 -15.34
CA GLY A 33 22.52 -20.60 -15.50
C GLY A 33 22.09 -20.26 -16.91
N PHE A 34 20.87 -20.66 -17.28
CA PHE A 34 20.38 -20.50 -18.64
C PHE A 34 18.89 -20.16 -18.60
N THR A 35 18.45 -19.30 -19.52
CA THR A 35 17.04 -18.95 -19.61
C THR A 35 16.75 -18.41 -21.01
N ASN A 36 15.47 -18.47 -21.39
CA ASN A 36 15.00 -17.91 -22.64
C ASN A 36 14.63 -16.43 -22.54
N ASN A 37 14.67 -15.87 -21.34
CA ASN A 37 14.13 -14.54 -21.09
C ASN A 37 14.60 -14.05 -19.72
N LEU A 38 15.70 -13.29 -19.67
CA LEU A 38 16.29 -12.97 -18.38
C LEU A 38 15.43 -11.95 -17.62
N LYS A 39 14.75 -11.06 -18.33
CA LYS A 39 13.83 -10.15 -17.67
C LYS A 39 12.75 -10.91 -16.91
N ARG A 40 12.00 -11.76 -17.61
CA ARG A 40 10.95 -12.54 -16.94
C ARG A 40 11.54 -13.50 -15.91
N ALA A 41 12.78 -13.95 -16.12
CA ALA A 41 13.42 -14.84 -15.14
C ALA A 41 13.58 -14.15 -13.80
N ASN A 42 13.70 -12.83 -13.79
CA ASN A 42 13.84 -12.05 -12.57
C ASN A 42 12.57 -11.33 -12.17
N GLN A 43 11.48 -11.49 -12.91
CA GLN A 43 10.20 -10.90 -12.54
C GLN A 43 9.55 -11.70 -11.41
N ALA A 44 9.17 -11.01 -10.34
CA ALA A 44 8.61 -11.67 -9.17
C ALA A 44 7.10 -11.78 -9.28
N PHE A 45 6.58 -12.97 -9.02
CA PHE A 45 5.15 -13.28 -9.03
C PHE A 45 4.73 -13.82 -7.68
N LEU A 46 3.43 -13.98 -7.50
CA LEU A 46 2.91 -14.74 -6.37
C LEU A 46 3.36 -16.19 -6.50
N PRO A 47 3.87 -16.81 -5.43
CA PRO A 47 4.35 -18.20 -5.56
C PRO A 47 3.23 -19.21 -5.71
N ALA A 48 2.01 -18.88 -5.29
CA ALA A 48 0.91 -19.84 -5.27
C ALA A 48 1.34 -21.11 -4.54
N SER A 49 0.95 -22.27 -5.06
CA SER A 49 1.24 -23.51 -4.34
C SER A 49 2.71 -23.90 -4.34
N THR A 50 3.60 -23.18 -5.02
CA THR A 50 5.03 -23.44 -4.84
C THR A 50 5.48 -23.04 -3.44
N PHE A 51 4.69 -22.23 -2.74
CA PHE A 51 4.97 -21.87 -1.37
C PHE A 51 4.82 -23.07 -0.43
N KCX A 52 4.24 -24.15 -0.91
CA KCX A 52 4.09 -25.34 -0.08
CB KCX A 52 3.22 -26.40 -0.76
CG KCX A 52 1.73 -26.12 -0.63
CD KCX A 52 0.87 -27.18 -1.30
CE KCX A 52 -0.61 -26.82 -1.16
NZ KCX A 52 -0.99 -25.64 -1.99
C KCX A 52 5.44 -25.94 0.31
O KCX A 52 5.53 -26.68 1.28
CX KCX A 52 -1.06 -24.41 -1.45
OQ1 KCX A 52 -1.38 -23.46 -2.17
OQ2 KCX A 52 -0.79 -24.23 -0.25
N ILE A 53 6.49 -25.60 -0.44
CA ILE A 53 7.82 -26.06 -0.09
C ILE A 53 8.30 -25.37 1.20
N PRO A 54 8.41 -24.03 1.25
CA PRO A 54 8.77 -23.41 2.53
C PRO A 54 7.71 -23.63 3.61
N ASN A 55 6.43 -23.67 3.25
CA ASN A 55 5.39 -23.89 4.26
C ASN A 55 5.60 -25.23 4.97
N SER A 56 5.85 -26.31 4.21
CA SER A 56 6.12 -27.60 4.82
C SER A 56 7.35 -27.55 5.71
N LEU A 57 8.41 -26.88 5.25
CA LEU A 57 9.65 -26.85 6.02
C LEU A 57 9.43 -26.15 7.36
N ILE A 58 8.63 -25.09 7.36
CA ILE A 58 8.37 -24.37 8.59
C ILE A 58 7.48 -25.22 9.51
N ALA A 59 6.41 -25.80 8.95
CA ALA A 59 5.52 -26.65 9.73
C ALA A 59 6.27 -27.83 10.36
N LEU A 60 7.22 -28.42 9.62
CA LEU A 60 7.93 -29.58 10.16
C LEU A 60 8.95 -29.18 11.22
N ASP A 61 9.67 -28.08 11.01
CA ASP A 61 10.61 -27.63 12.03
C ASP A 61 9.90 -27.15 13.29
N LEU A 62 8.60 -26.85 13.21
CA LEU A 62 7.82 -26.37 14.34
C LEU A 62 6.88 -27.45 14.90
N GLY A 63 6.97 -28.67 14.40
CA GLY A 63 6.09 -29.72 14.92
C GLY A 63 4.63 -29.55 14.61
N VAL A 64 4.26 -28.53 13.82
CA VAL A 64 2.89 -28.45 13.31
C VAL A 64 2.59 -29.69 12.49
N VAL A 65 3.59 -30.21 11.79
CA VAL A 65 3.54 -31.51 11.14
C VAL A 65 4.57 -32.41 11.83
N LYS A 66 4.11 -33.55 12.35
CA LYS A 66 5.03 -34.46 13.03
C LYS A 66 5.95 -35.15 12.05
N ASP A 67 5.40 -35.67 10.95
CA ASP A 67 6.17 -36.35 9.93
C ASP A 67 5.28 -36.52 8.70
N GLU A 68 5.82 -37.18 7.68
CA GLU A 68 5.18 -37.25 6.37
C GLU A 68 3.99 -38.20 6.34
N HIS A 69 3.73 -38.94 7.42
CA HIS A 69 2.64 -39.91 7.45
C HIS A 69 1.47 -39.47 8.32
N GLN A 70 1.62 -38.40 9.11
CA GLN A 70 0.50 -37.87 9.87
C GLN A 70 -0.67 -37.56 8.95
N VAL A 71 -1.87 -37.93 9.40
CA VAL A 71 -3.07 -37.90 8.57
C VAL A 71 -3.93 -36.72 9.03
N PHE A 72 -4.05 -35.71 8.18
CA PHE A 72 -4.96 -34.59 8.40
C PHE A 72 -6.20 -34.85 7.57
N LYS A 73 -7.34 -35.03 8.22
CA LYS A 73 -8.50 -35.49 7.46
C LYS A 73 -9.31 -34.32 6.92
N TRP A 74 -10.18 -34.65 5.98
CA TRP A 74 -11.08 -33.70 5.35
C TRP A 74 -11.95 -33.02 6.40
N ASP A 75 -12.25 -31.74 6.18
CA ASP A 75 -13.12 -30.99 7.06
C ASP A 75 -14.59 -31.10 6.65
N GLY A 76 -14.94 -32.05 5.80
CA GLY A 76 -16.31 -32.27 5.40
C GLY A 76 -16.88 -31.29 4.38
N GLN A 77 -16.09 -30.31 3.95
CA GLN A 77 -16.56 -29.29 3.02
C GLN A 77 -16.09 -29.63 1.61
N THR A 78 -17.04 -29.89 0.72
CA THR A 78 -16.75 -30.31 -0.64
C THR A 78 -16.26 -29.12 -1.46
N ARG A 79 -15.00 -29.15 -1.86
CA ARG A 79 -14.42 -28.12 -2.70
C ARG A 79 -14.28 -28.61 -4.14
N ASP A 80 -13.95 -27.68 -5.04
CA ASP A 80 -14.12 -27.88 -6.47
C ASP A 80 -13.04 -28.74 -7.12
N ILE A 81 -12.16 -29.35 -6.34
CA ILE A 81 -11.11 -30.23 -6.85
C ILE A 81 -11.26 -31.56 -6.11
N ALA A 82 -11.60 -32.61 -6.85
CA ALA A 82 -12.04 -33.86 -6.22
C ALA A 82 -10.99 -34.41 -5.26
N THR A 83 -9.71 -34.35 -5.66
CA THR A 83 -8.65 -34.91 -4.84
C THR A 83 -8.52 -34.23 -3.47
N TRP A 84 -9.09 -33.04 -3.30
CA TRP A 84 -9.01 -32.34 -2.02
C TRP A 84 -9.95 -32.93 -0.97
N ASN A 85 -11.04 -33.55 -1.39
CA ASN A 85 -12.13 -33.91 -0.47
C ASN A 85 -11.88 -35.28 0.20
N ARG A 86 -10.70 -35.46 0.77
CA ARG A 86 -10.34 -36.71 1.42
C ARG A 86 -9.24 -36.44 2.44
N ASP A 87 -8.87 -37.47 3.20
CA ASP A 87 -7.74 -37.36 4.10
C ASP A 87 -6.42 -37.30 3.34
N HIS A 88 -5.45 -36.64 3.94
CA HIS A 88 -4.16 -36.45 3.30
C HIS A 88 -3.06 -36.50 4.36
N ASN A 89 -1.86 -36.85 3.90
CA ASN A 89 -0.62 -36.62 4.62
C ASN A 89 0.21 -35.59 3.85
N LEU A 90 1.41 -35.34 4.36
CA LEU A 90 2.29 -34.36 3.71
C LEU A 90 2.57 -34.74 2.26
N ILE A 91 2.90 -36.01 2.02
CA ILE A 91 3.19 -36.47 0.66
C ILE A 91 2.03 -36.13 -0.28
N THR A 92 0.81 -36.51 0.12
CA THR A 92 -0.33 -36.38 -0.79
C THR A 92 -0.85 -34.96 -0.85
N ALA A 93 -0.77 -34.20 0.25
CA ALA A 93 -1.21 -32.82 0.21
C ALA A 93 -0.33 -32.00 -0.73
N MET A 94 0.96 -32.28 -0.75
CA MET A 94 1.87 -31.62 -1.68
C MET A 94 1.58 -32.06 -3.12
N LYS A 95 1.40 -33.37 -3.32
CA LYS A 95 1.19 -33.90 -4.66
C LYS A 95 -0.08 -33.32 -5.30
N TYR A 96 -1.17 -33.26 -4.55
CA TYR A 96 -2.44 -32.78 -5.07
C TYR A 96 -2.67 -31.29 -4.78
N SER A 97 -1.67 -30.60 -4.23
CA SER A 97 -1.73 -29.17 -3.95
C SER A 97 -2.98 -28.82 -3.13
N VAL A 98 -3.16 -29.55 -2.03
CA VAL A 98 -4.37 -29.42 -1.22
C VAL A 98 -4.26 -28.19 -0.33
N VAL A 99 -4.75 -27.05 -0.83
CA VAL A 99 -4.64 -25.79 -0.10
C VAL A 99 -5.24 -25.83 1.29
N PRO A 100 -6.45 -26.39 1.52
CA PRO A 100 -7.01 -26.36 2.88
C PRO A 100 -6.08 -26.94 3.94
N VAL A 101 -5.33 -27.98 3.59
CA VAL A 101 -4.40 -28.58 4.54
C VAL A 101 -3.32 -27.58 4.94
N TYR A 102 -2.75 -26.90 3.94
CA TYR A 102 -1.69 -25.94 4.24
C TYR A 102 -2.23 -24.64 4.82
N GLN A 103 -3.48 -24.30 4.51
CA GLN A 103 -4.13 -23.19 5.22
C GLN A 103 -4.14 -23.46 6.72
N GLU A 104 -4.44 -24.71 7.10
CA GLU A 104 -4.44 -25.08 8.52
C GLU A 104 -3.03 -25.03 9.10
N PHE A 105 -2.03 -25.51 8.34
CA PHE A 105 -0.63 -25.35 8.77
C PHE A 105 -0.31 -23.88 9.00
N ALA A 106 -0.61 -23.03 8.01
CA ALA A 106 -0.33 -21.61 8.11
C ALA A 106 -0.94 -21.00 9.37
N ARG A 107 -2.23 -21.28 9.61
CA ARG A 107 -2.88 -20.72 10.79
C ARG A 107 -2.21 -21.20 12.07
N GLN A 108 -1.68 -22.43 12.08
CA GLN A 108 -1.00 -22.93 13.26
C GLN A 108 0.41 -22.35 13.39
N ILE A 109 1.10 -22.17 12.25
CA ILE A 109 2.42 -21.54 12.28
C ILE A 109 2.32 -20.14 12.87
N GLY A 110 1.32 -19.37 12.45
CA GLY A 110 1.20 -18.00 12.94
C GLY A 110 1.94 -17.01 12.07
N GLU A 111 1.38 -15.80 12.00
CA GLU A 111 1.94 -14.76 11.14
C GLU A 111 3.34 -14.36 11.60
N ALA A 112 3.58 -14.34 12.91
CA ALA A 112 4.90 -13.95 13.43
C ALA A 112 5.97 -14.94 12.98
N ARG A 113 5.81 -16.22 13.38
CA ARG A 113 6.82 -17.22 13.06
C ARG A 113 6.96 -17.41 11.55
N MET A 114 5.88 -17.22 10.80
CA MET A 114 5.96 -17.32 9.34
C MET A 114 6.89 -16.24 8.79
N SER A 115 6.69 -15.00 9.22
CA SER A 115 7.50 -13.89 8.74
C SER A 115 8.97 -14.08 9.08
N LYS A 116 9.26 -14.44 10.34
CA LYS A 116 10.66 -14.63 10.73
C LYS A 116 11.32 -15.74 9.92
N MET A 117 10.58 -16.80 9.61
CA MET A 117 11.20 -17.94 8.92
C MET A 117 11.48 -17.59 7.46
N LEU A 118 10.55 -16.89 6.78
CA LEU A 118 10.80 -16.47 5.41
C LEU A 118 11.98 -15.53 5.32
N HIS A 119 12.12 -14.61 6.27
CA HIS A 119 13.31 -13.77 6.30
C HIS A 119 14.57 -14.62 6.45
N ALA A 120 14.52 -15.63 7.31
CA ALA A 120 15.66 -16.53 7.47
C ALA A 120 15.93 -17.32 6.20
N PHE A 121 14.89 -17.61 5.41
CA PHE A 121 15.08 -18.33 4.16
C PHE A 121 15.53 -17.43 3.01
N ASP A 122 15.54 -16.11 3.22
CA ASP A 122 15.85 -15.16 2.14
C ASP A 122 14.88 -15.36 0.97
N TYR A 123 13.61 -15.61 1.30
CA TYR A 123 12.64 -16.13 0.34
C TYR A 123 11.90 -14.98 -0.32
N GLY A 124 12.19 -14.74 -1.60
CA GLY A 124 11.50 -13.71 -2.35
C GLY A 124 11.60 -12.36 -1.66
N ASN A 125 10.50 -11.61 -1.68
CA ASN A 125 10.47 -10.32 -1.01
C ASN A 125 10.18 -10.44 0.49
N GLU A 126 10.03 -11.65 1.01
CA GLU A 126 9.90 -11.92 2.44
C GLU A 126 8.73 -11.14 3.07
N ASP A 127 7.62 -11.04 2.34
CA ASP A 127 6.48 -10.24 2.78
C ASP A 127 5.23 -11.11 2.83
N ILE A 128 4.64 -11.23 4.01
CA ILE A 128 3.48 -12.09 4.19
C ILE A 128 2.20 -11.28 4.37
N SER A 129 2.18 -10.02 3.93
CA SER A 129 1.02 -9.18 4.18
C SER A 129 -0.22 -9.79 3.55
N GLY A 130 -1.33 -9.70 4.28
CA GLY A 130 -2.57 -10.36 3.91
C GLY A 130 -2.96 -11.38 4.97
N ASN A 131 -3.93 -12.22 4.62
CA ASN A 131 -4.34 -13.28 5.52
C ASN A 131 -3.20 -14.29 5.68
N VAL A 132 -2.98 -14.73 6.93
CA VAL A 132 -1.92 -15.69 7.19
C VAL A 132 -2.15 -17.00 6.47
N ASP A 133 -3.39 -17.29 6.07
CA ASP A 133 -3.72 -18.55 5.44
C ASP A 133 -4.03 -18.40 3.96
N SER A 134 -3.75 -17.23 3.37
CA SER A 134 -3.91 -17.08 1.93
C SER A 134 -2.88 -16.15 1.29
N PHE A 135 -1.88 -15.64 2.04
CA PHE A 135 -0.99 -14.61 1.50
C PHE A 135 -0.26 -15.08 0.26
N TRP A 136 0.17 -16.35 0.23
CA TRP A 136 0.91 -16.85 -0.93
C TRP A 136 0.03 -16.97 -2.16
N LEU A 137 -1.29 -16.87 -2.00
CA LEU A 137 -2.26 -16.96 -3.09
C LEU A 137 -2.87 -15.62 -3.48
N ASP A 138 -3.05 -14.69 -2.52
CA ASP A 138 -3.62 -13.40 -2.86
C ASP A 138 -3.16 -12.27 -1.93
N GLY A 139 -2.04 -12.43 -1.24
CA GLY A 139 -1.44 -11.40 -0.42
C GLY A 139 -0.23 -10.77 -1.07
N GLY A 140 0.73 -10.36 -0.25
CA GLY A 140 1.84 -9.56 -0.72
C GLY A 140 3.13 -10.27 -1.11
N ILE A 141 3.22 -11.59 -0.93
CA ILE A 141 4.48 -12.29 -1.16
C ILE A 141 4.80 -12.35 -2.65
N ARG A 142 6.07 -12.15 -3.00
CA ARG A 142 6.52 -12.17 -4.38
C ARG A 142 7.87 -12.85 -4.48
N ILE A 143 8.03 -13.70 -5.48
CA ILE A 143 9.29 -14.40 -5.73
C ILE A 143 9.46 -14.59 -7.23
N SER A 144 10.69 -14.43 -7.70
CA SER A 144 11.03 -14.61 -9.11
C SER A 144 11.60 -15.99 -9.37
N ALA A 145 11.78 -16.32 -10.65
CA ALA A 145 12.27 -17.64 -11.02
C ALA A 145 13.69 -17.87 -10.52
N THR A 146 14.57 -16.87 -10.66
CA THR A 146 15.93 -17.04 -10.17
C THR A 146 15.96 -17.07 -8.65
N GLU A 147 15.02 -16.41 -7.99
CA GLU A 147 14.91 -16.50 -6.54
C GLU A 147 14.41 -17.87 -6.10
N GLN A 148 13.56 -18.52 -6.90
CA GLN A 148 13.19 -19.89 -6.59
C GLN A 148 14.40 -20.81 -6.66
N ILE A 149 15.23 -20.65 -7.69
CA ILE A 149 16.42 -21.49 -7.83
C ILE A 149 17.36 -21.29 -6.66
N SER A 150 17.60 -20.03 -6.30
CA SER A 150 18.45 -19.73 -5.15
C SER A 150 17.93 -20.41 -3.89
N PHE A 151 16.61 -20.38 -3.67
CA PHE A 151 16.04 -21.05 -2.51
C PHE A 151 16.15 -22.56 -2.63
N LEU A 152 15.92 -23.11 -3.83
CA LEU A 152 16.00 -24.56 -4.01
C LEU A 152 17.43 -25.08 -3.82
N ARG A 153 18.43 -24.30 -4.25
CA ARG A 153 19.81 -24.74 -4.10
C ARG A 153 20.19 -24.88 -2.63
N LYS A 154 19.72 -23.96 -1.78
CA LYS A 154 19.98 -24.08 -0.36
C LYS A 154 19.27 -25.29 0.22
N LEU A 155 18.05 -25.56 -0.24
CA LEU A 155 17.32 -26.74 0.24
C LEU A 155 18.04 -28.02 -0.17
N TYR A 156 18.50 -28.09 -1.42
CA TYR A 156 19.19 -29.29 -1.89
C TYR A 156 20.41 -29.60 -1.04
N HIS A 157 21.15 -28.57 -0.62
CA HIS A 157 22.38 -28.72 0.12
C HIS A 157 22.18 -28.73 1.64
N ASN A 158 20.92 -28.75 2.11
CA ASN A 158 20.60 -28.74 3.53
C ASN A 158 21.09 -27.47 4.24
N LYS A 159 21.14 -26.36 3.52
CA LYS A 159 21.71 -25.13 4.06
C LYS A 159 20.66 -24.15 4.57
N LEU A 160 19.38 -24.44 4.42
CA LEU A 160 18.35 -23.57 4.98
C LEU A 160 18.39 -23.61 6.50
N HIS A 161 17.80 -22.58 7.10
CA HIS A 161 17.88 -22.39 8.56
C HIS A 161 16.78 -23.18 9.27
N VAL A 162 16.77 -24.48 8.99
CA VAL A 162 15.91 -25.45 9.67
C VAL A 162 16.73 -26.72 9.85
N SER A 163 16.14 -27.69 10.55
CA SER A 163 16.84 -28.95 10.77
C SER A 163 17.08 -29.67 9.45
N GLU A 164 18.16 -30.42 9.38
CA GLU A 164 18.38 -31.32 8.25
C GLU A 164 17.20 -32.28 8.05
N ARG A 165 16.57 -32.71 9.14
CA ARG A 165 15.46 -33.65 9.03
C ARG A 165 14.28 -33.03 8.29
N SER A 166 13.92 -31.78 8.62
CA SER A 166 12.86 -31.09 7.90
C SER A 166 13.17 -30.99 6.41
N GLN A 167 14.42 -30.69 6.08
CA GLN A 167 14.80 -30.53 4.68
C GLN A 167 14.76 -31.86 3.94
N ARG A 168 15.21 -32.94 4.58
CA ARG A 168 15.12 -34.26 3.95
C ARG A 168 13.66 -34.68 3.74
N ILE A 169 12.79 -34.40 4.72
CA ILE A 169 11.39 -34.80 4.58
C ILE A 169 10.73 -34.06 3.43
N VAL A 170 10.94 -32.74 3.35
CA VAL A 170 10.33 -31.97 2.28
C VAL A 170 10.88 -32.40 0.92
N LYS A 171 12.19 -32.64 0.84
CA LYS A 171 12.76 -33.13 -0.41
C LYS A 171 12.17 -34.49 -0.79
N GLN A 172 11.82 -35.31 0.20
CA GLN A 172 11.08 -36.54 -0.09
C GLN A 172 9.69 -36.23 -0.65
N ALA A 173 8.98 -35.30 -0.02
CA ALA A 173 7.62 -34.98 -0.46
C ALA A 173 7.58 -34.35 -1.84
N MET A 174 8.66 -33.67 -2.25
CA MET A 174 8.74 -33.09 -3.58
C MET A 174 8.88 -34.12 -4.69
N LEU A 175 9.13 -35.39 -4.36
CA LEU A 175 9.34 -36.41 -5.37
C LEU A 175 8.18 -36.45 -6.35
N THR A 176 8.48 -36.28 -7.64
CA THR A 176 7.47 -36.23 -8.67
C THR A 176 7.59 -37.35 -9.69
N GLU A 177 8.81 -37.68 -10.11
CA GLU A 177 9.03 -38.64 -11.17
C GLU A 177 10.44 -39.20 -11.03
N ALA A 178 10.59 -40.50 -11.31
CA ALA A 178 11.91 -41.11 -11.24
C ALA A 178 11.93 -42.37 -12.09
N ASN A 179 13.05 -42.59 -12.77
CA ASN A 179 13.32 -43.82 -13.50
C ASN A 179 14.83 -44.03 -13.53
N GLY A 180 15.27 -44.99 -14.34
CA GLY A 180 16.69 -45.27 -14.44
C GLY A 180 17.51 -44.16 -15.06
N ASP A 181 16.86 -43.10 -15.57
CA ASP A 181 17.56 -41.99 -16.19
C ASP A 181 17.66 -40.75 -15.31
N TYR A 182 16.63 -40.46 -14.51
CA TYR A 182 16.60 -39.21 -13.78
C TYR A 182 15.61 -39.28 -12.64
N ILE A 183 15.76 -38.35 -11.71
CA ILE A 183 14.81 -38.11 -10.63
C ILE A 183 14.41 -36.65 -10.68
N ILE A 184 13.12 -36.36 -10.62
CA ILE A 184 12.61 -35.00 -10.54
C ILE A 184 11.95 -34.80 -9.19
N ARG A 185 12.44 -33.82 -8.44
CA ARG A 185 11.78 -33.31 -7.25
C ARG A 185 11.31 -31.90 -7.57
N ALA A 186 10.02 -31.65 -7.46
CA ALA A 186 9.45 -30.41 -7.97
C ALA A 186 8.15 -30.11 -7.26
N LYS A 187 7.57 -28.96 -7.60
CA LYS A 187 6.29 -28.52 -7.03
C LYS A 187 5.60 -27.61 -8.03
N THR A 188 4.35 -27.90 -8.33
CA THR A 188 3.56 -27.08 -9.23
C THR A 188 2.90 -25.92 -8.46
N GLY A 189 2.41 -24.94 -9.21
CA GLY A 189 1.69 -23.83 -8.63
C GLY A 189 0.88 -23.12 -9.69
N TYR A 190 -0.27 -22.57 -9.27
CA TYR A 190 -1.15 -21.87 -10.18
C TYR A 190 -1.68 -20.63 -9.47
N SER A 191 -1.27 -19.45 -9.95
CA SER A 191 -1.70 -18.18 -9.40
C SER A 191 -2.89 -17.67 -10.20
N THR A 192 -4.04 -17.52 -9.55
CA THR A 192 -5.27 -17.13 -10.23
C THR A 192 -5.88 -15.83 -9.72
N ARG A 193 -5.51 -15.37 -8.52
CA ARG A 193 -6.19 -14.24 -7.90
C ARG A 193 -5.69 -12.90 -8.39
N ILE A 194 -4.49 -12.83 -8.96
CA ILE A 194 -3.90 -11.58 -9.44
C ILE A 194 -3.48 -11.75 -10.89
N GLU A 195 -3.87 -10.79 -11.74
CA GLU A 195 -3.60 -10.86 -13.17
C GLU A 195 -2.18 -10.39 -13.48
N PRO A 196 -1.50 -11.01 -14.46
CA PRO A 196 -2.03 -12.14 -15.23
C PRO A 196 -1.91 -13.45 -14.48
N LYS A 197 -2.75 -14.43 -14.83
CA LYS A 197 -2.68 -15.73 -14.19
C LYS A 197 -1.40 -16.43 -14.60
N ILE A 198 -0.76 -17.10 -13.65
CA ILE A 198 0.59 -17.63 -13.80
C ILE A 198 0.61 -19.09 -13.35
N GLY A 199 1.23 -19.95 -14.15
CA GLY A 199 1.46 -21.33 -13.78
C GLY A 199 2.96 -21.56 -13.53
N TRP A 200 3.26 -22.15 -12.38
CA TRP A 200 4.63 -22.41 -11.94
C TRP A 200 4.96 -23.90 -12.04
N TRP A 201 6.22 -24.19 -12.36
CA TRP A 201 6.85 -25.45 -12.00
C TRP A 201 8.29 -25.18 -11.60
N VAL A 202 8.66 -25.55 -10.39
CA VAL A 202 10.01 -25.33 -9.87
C VAL A 202 10.48 -26.61 -9.21
N GLY A 203 11.78 -26.86 -9.28
CA GLY A 203 12.38 -28.03 -8.66
C GLY A 203 13.76 -28.27 -9.25
N TRP A 204 14.13 -29.55 -9.33
CA TRP A 204 15.42 -29.88 -9.94
C TRP A 204 15.38 -31.31 -10.47
N VAL A 205 16.38 -31.63 -11.29
CA VAL A 205 16.55 -32.93 -11.92
C VAL A 205 17.85 -33.51 -11.41
N GLU A 206 17.78 -34.67 -10.76
CA GLU A 206 18.98 -35.35 -10.29
C GLU A 206 19.44 -36.36 -11.34
N LEU A 207 20.68 -36.18 -11.80
CA LEU A 207 21.34 -37.16 -12.66
C LEU A 207 22.37 -37.92 -11.84
N ASP A 208 23.00 -38.92 -12.48
CA ASP A 208 24.03 -39.70 -11.81
C ASP A 208 25.15 -38.82 -11.26
N ASP A 209 25.58 -37.81 -12.03
CA ASP A 209 26.73 -37.02 -11.60
C ASP A 209 26.52 -35.52 -11.80
N ASN A 210 25.27 -35.05 -11.72
CA ASN A 210 24.98 -33.63 -11.79
C ASN A 210 23.55 -33.39 -11.30
N VAL A 211 23.26 -32.14 -10.95
CA VAL A 211 21.92 -31.69 -10.63
C VAL A 211 21.60 -30.48 -11.50
N TRP A 212 20.41 -30.48 -12.10
CA TRP A 212 19.92 -29.34 -12.86
C TRP A 212 18.71 -28.77 -12.14
N PHE A 213 18.87 -27.59 -11.53
CA PHE A 213 17.74 -26.90 -10.96
C PHE A 213 16.96 -26.20 -12.06
N PHE A 214 15.63 -26.18 -11.93
CA PHE A 214 14.80 -25.44 -12.87
C PHE A 214 13.75 -24.64 -12.11
N ALA A 215 13.40 -23.49 -12.66
CA ALA A 215 12.25 -22.71 -12.23
C ALA A 215 11.56 -22.20 -13.47
N MET A 216 10.27 -22.53 -13.61
CA MET A 216 9.49 -22.15 -14.77
C MET A 216 8.20 -21.45 -14.34
N ASN A 217 7.81 -20.43 -15.09
CA ASN A 217 6.45 -19.92 -15.01
C ASN A 217 6.00 -19.48 -16.40
N MET A 218 4.68 -19.40 -16.57
CA MET A 218 4.06 -19.11 -17.86
C MET A 218 2.67 -18.56 -17.62
N ASP A 219 2.19 -17.76 -18.58
CA ASP A 219 0.83 -17.26 -18.52
C ASP A 219 -0.16 -18.40 -18.73
N MET A 220 -1.19 -18.46 -17.89
CA MET A 220 -2.13 -19.58 -17.90
C MET A 220 -3.54 -19.08 -17.65
N PRO A 221 -4.25 -18.68 -18.71
CA PRO A 221 -5.58 -18.05 -18.52
C PRO A 221 -6.63 -18.99 -17.92
N THR A 222 -6.60 -20.27 -18.26
CA THR A 222 -7.53 -21.24 -17.72
C THR A 222 -6.74 -22.44 -17.20
N SER A 223 -7.45 -23.37 -16.59
CA SER A 223 -6.84 -24.52 -15.96
C SER A 223 -6.60 -25.67 -16.94
N ASP A 224 -7.02 -25.51 -18.21
CA ASP A 224 -6.94 -26.60 -19.18
C ASP A 224 -5.55 -26.78 -19.76
N GLY A 225 -4.68 -25.79 -19.61
CA GLY A 225 -3.31 -25.89 -20.10
C GLY A 225 -2.28 -26.10 -19.02
N LEU A 226 -2.68 -26.60 -17.85
CA LEU A 226 -1.74 -26.70 -16.74
C LEU A 226 -0.64 -27.72 -17.03
N GLY A 227 -0.98 -28.80 -17.71
CA GLY A 227 0.01 -29.79 -18.09
C GLY A 227 1.08 -29.27 -19.03
N LEU A 228 0.87 -28.10 -19.64
CA LEU A 228 1.92 -27.49 -20.45
C LEU A 228 3.12 -27.08 -19.62
N ARG A 229 2.95 -26.94 -18.30
CA ARG A 229 4.08 -26.58 -17.45
C ARG A 229 5.15 -27.66 -17.49
N GLN A 230 4.75 -28.92 -17.32
CA GLN A 230 5.71 -30.03 -17.38
C GLN A 230 6.14 -30.31 -18.81
N ALA A 231 5.22 -30.20 -19.77
CA ALA A 231 5.53 -30.53 -21.15
C ALA A 231 6.60 -29.60 -21.71
N ILE A 232 6.38 -28.28 -21.56
CA ILE A 232 7.35 -27.31 -22.06
C ILE A 232 8.69 -27.48 -21.35
N THR A 233 8.66 -27.59 -20.01
CA THR A 233 9.89 -27.79 -19.26
C THR A 233 10.64 -29.03 -19.73
N LYS A 234 9.90 -30.12 -20.00
CA LYS A 234 10.56 -31.34 -20.44
C LYS A 234 11.18 -31.16 -21.81
N GLU A 235 10.50 -30.45 -22.72
CA GLU A 235 11.05 -30.23 -24.06
C GLU A 235 12.36 -29.45 -24.00
N VAL A 236 12.44 -28.46 -23.10
CA VAL A 236 13.71 -27.77 -22.90
C VAL A 236 14.75 -28.73 -22.36
N LEU A 237 14.35 -29.59 -21.42
CA LEU A 237 15.28 -30.58 -20.86
C LEU A 237 15.77 -31.57 -21.94
N LYS A 238 14.88 -32.01 -22.83
CA LYS A 238 15.28 -32.90 -23.92
C LYS A 238 16.26 -32.19 -24.85
N GLN A 239 15.98 -30.94 -25.21
CA GLN A 239 16.86 -30.21 -26.14
C GLN A 239 18.25 -30.04 -25.56
N GLU A 240 18.36 -29.75 -24.26
CA GLU A 240 19.66 -29.51 -23.62
C GLU A 240 20.39 -30.79 -23.24
N LYS A 241 19.86 -31.96 -23.67
CA LYS A 241 20.43 -33.28 -23.44
C LYS A 241 20.45 -33.60 -21.95
N ILE A 242 19.55 -33.02 -21.18
CA ILE A 242 19.52 -33.27 -19.74
C ILE A 242 18.76 -34.55 -19.42
N ILE A 243 17.62 -34.78 -20.07
CA ILE A 243 16.91 -36.05 -19.98
C ILE A 243 16.88 -36.65 -21.38
N PRO A 244 16.83 -38.00 -21.52
CA PRO A 244 16.87 -38.64 -22.83
C PRO A 244 15.62 -38.35 -23.67
N MET B 3 -24.54 18.72 17.95
CA MET B 3 -24.11 18.77 16.56
C MET B 3 -24.75 17.65 15.76
N TRP B 4 -24.53 16.41 16.19
CA TRP B 4 -25.04 15.24 15.50
C TRP B 4 -26.07 14.53 16.38
N GLN B 5 -27.04 13.90 15.72
CA GLN B 5 -28.12 13.23 16.42
C GLN B 5 -28.61 12.03 15.63
N GLU B 6 -28.67 10.87 16.29
CA GLU B 6 -29.02 9.63 15.61
C GLU B 6 -30.52 9.37 15.69
N ASN B 7 -31.13 9.08 14.53
CA ASN B 7 -32.55 8.78 14.38
C ASN B 7 -32.65 7.40 13.74
N LYS B 8 -32.63 6.34 14.55
CA LYS B 8 -32.68 5.02 13.93
C LYS B 8 -34.07 4.64 13.40
N SER B 9 -35.08 5.51 13.47
CA SER B 9 -36.37 5.19 12.86
C SER B 9 -36.29 5.20 11.34
N TRP B 10 -35.31 5.90 10.75
CA TRP B 10 -35.20 5.95 9.31
C TRP B 10 -34.82 4.61 8.72
N ASN B 11 -34.28 3.70 9.53
CA ASN B 11 -33.89 2.38 9.03
C ASN B 11 -35.09 1.63 8.48
N ALA B 12 -36.31 1.98 8.91
CA ALA B 12 -37.51 1.35 8.36
C ALA B 12 -37.65 1.63 6.87
N HIS B 13 -37.19 2.79 6.39
CA HIS B 13 -37.24 3.07 4.96
C HIS B 13 -36.24 2.22 4.19
N PHE B 14 -35.11 1.86 4.82
CA PHE B 14 -34.17 0.95 4.18
C PHE B 14 -34.66 -0.49 4.24
N THR B 15 -35.16 -0.91 5.40
CA THR B 15 -35.63 -2.28 5.57
C THR B 15 -36.79 -2.55 4.61
N GLU B 16 -37.68 -1.57 4.44
CA GLU B 16 -38.87 -1.74 3.61
C GLU B 16 -38.53 -1.99 2.15
N HIS B 17 -37.35 -1.58 1.71
CA HIS B 17 -36.91 -1.78 0.34
C HIS B 17 -35.84 -2.86 0.22
N LYS B 18 -35.70 -3.73 1.23
CA LYS B 18 -34.75 -4.84 1.19
C LYS B 18 -33.31 -4.34 1.11
N SER B 19 -32.99 -3.30 1.89
CA SER B 19 -31.77 -2.53 1.67
C SER B 19 -31.10 -2.10 2.97
N GLN B 20 -29.90 -1.54 2.82
CA GLN B 20 -29.05 -1.03 3.88
C GLN B 20 -28.22 0.15 3.40
N GLY B 21 -28.15 1.18 4.24
CA GLY B 21 -27.38 2.36 3.91
C GLY B 21 -27.48 3.37 5.03
N VAL B 22 -27.08 4.59 4.71
CA VAL B 22 -27.11 5.70 5.65
C VAL B 22 -27.67 6.92 4.94
N VAL B 23 -28.40 7.74 5.69
CA VAL B 23 -28.83 9.06 5.24
C VAL B 23 -28.34 10.07 6.26
N VAL B 24 -27.74 11.16 5.79
CA VAL B 24 -27.21 12.20 6.67
C VAL B 24 -27.82 13.52 6.24
N LEU B 25 -28.51 14.19 7.16
CA LEU B 25 -29.10 15.50 6.93
C LEU B 25 -28.42 16.56 7.79
N TRP B 26 -28.37 17.79 7.26
CA TRP B 26 -27.79 18.91 7.99
C TRP B 26 -28.69 20.13 7.84
N ASN B 27 -29.28 20.56 8.95
CA ASN B 27 -30.09 21.77 9.00
C ASN B 27 -29.16 22.97 9.10
N GLU B 28 -29.16 23.82 8.07
CA GLU B 28 -28.19 24.90 8.02
C GLU B 28 -28.53 26.01 9.01
N ASN B 29 -29.81 26.37 9.12
CA ASN B 29 -30.22 27.39 10.07
C ASN B 29 -29.84 27.00 11.50
N LYS B 30 -30.24 25.80 11.92
CA LYS B 30 -30.03 25.36 13.29
C LYS B 30 -28.63 24.82 13.52
N GLN B 31 -27.89 24.50 12.46
CA GLN B 31 -26.56 23.90 12.57
C GLN B 31 -26.62 22.60 13.36
N GLN B 32 -27.57 21.75 12.97
CA GLN B 32 -27.78 20.45 13.60
C GLN B 32 -27.79 19.36 12.54
N GLY B 33 -27.15 18.24 12.84
CA GLY B 33 -27.10 17.12 11.91
C GLY B 33 -27.89 15.91 12.38
N PHE B 34 -28.30 15.06 11.44
CA PHE B 34 -29.18 13.94 11.74
C PHE B 34 -28.82 12.78 10.83
N THR B 35 -28.85 11.56 11.38
CA THR B 35 -28.57 10.39 10.57
C THR B 35 -29.11 9.15 11.27
N ASN B 36 -29.36 8.11 10.47
CA ASN B 36 -29.83 6.82 10.99
C ASN B 36 -28.72 5.92 11.49
N ASN B 37 -27.45 6.27 11.23
CA ASN B 37 -26.34 5.35 11.49
C ASN B 37 -25.07 6.21 11.54
N LEU B 38 -24.69 6.62 12.75
CA LEU B 38 -23.57 7.54 12.88
C LEU B 38 -22.26 6.91 12.40
N LYS B 39 -22.08 5.62 12.65
CA LYS B 39 -20.85 4.95 12.21
C LYS B 39 -20.75 4.95 10.68
N ARG B 40 -21.78 4.47 10.00
CA ARG B 40 -21.75 4.48 8.54
C ARG B 40 -21.73 5.91 7.99
N ALA B 41 -22.29 6.86 8.74
CA ALA B 41 -22.22 8.25 8.33
C ALA B 41 -20.78 8.74 8.21
N ASN B 42 -19.87 8.15 8.99
CA ASN B 42 -18.47 8.54 8.99
C ASN B 42 -17.57 7.53 8.28
N GLN B 43 -18.14 6.50 7.67
CA GLN B 43 -17.37 5.53 6.91
C GLN B 43 -17.08 6.07 5.51
N ALA B 44 -15.81 6.06 5.12
CA ALA B 44 -15.38 6.66 3.86
C ALA B 44 -15.35 5.60 2.77
N PHE B 45 -15.99 5.89 1.65
CA PHE B 45 -16.03 5.03 0.47
C PHE B 45 -15.41 5.77 -0.70
N LEU B 46 -15.32 5.07 -1.83
CA LEU B 46 -14.99 5.73 -3.09
C LEU B 46 -16.10 6.69 -3.46
N PRO B 47 -15.80 7.92 -3.87
CA PRO B 47 -16.87 8.86 -4.22
C PRO B 47 -17.59 8.46 -5.49
N ALA B 48 -16.95 7.69 -6.37
CA ALA B 48 -17.50 7.39 -7.68
C ALA B 48 -17.85 8.69 -8.38
N SER B 49 -19.00 8.71 -9.05
CA SER B 49 -19.36 9.85 -9.86
C SER B 49 -19.77 11.08 -9.05
N THR B 50 -19.88 10.99 -7.73
CA THR B 50 -20.03 12.21 -6.93
C THR B 50 -18.78 13.06 -6.99
N PHE B 51 -17.65 12.49 -7.37
CA PHE B 51 -16.43 13.26 -7.59
C PHE B 51 -16.57 14.24 -8.75
N KCX B 52 -17.63 14.09 -9.55
CA KCX B 52 -17.84 15.03 -10.65
CB KCX B 52 -18.98 14.57 -11.55
CG KCX B 52 -18.57 13.49 -12.54
CD KCX B 52 -19.73 13.00 -13.40
CE KCX B 52 -19.27 11.91 -14.37
NZ KCX B 52 -18.95 10.62 -13.68
C KCX B 52 -18.10 16.45 -10.17
O KCX B 52 -17.94 17.40 -10.92
CX KCX B 52 -17.73 10.32 -13.26
OQ1 KCX B 52 -16.79 11.11 -13.42
OQ2 KCX B 52 -17.53 9.24 -12.68
N ILE B 53 -18.49 16.61 -8.90
CA ILE B 53 -18.64 17.95 -8.34
C ILE B 53 -17.26 18.64 -8.19
N PRO B 54 -16.33 18.08 -7.42
CA PRO B 54 -15.00 18.71 -7.35
C PRO B 54 -14.26 18.69 -8.69
N ASN B 55 -14.42 17.62 -9.47
CA ASN B 55 -13.78 17.57 -10.79
C ASN B 55 -14.23 18.74 -11.66
N SER B 56 -15.54 19.02 -11.66
CA SER B 56 -16.06 20.14 -12.43
C SER B 56 -15.48 21.47 -11.95
N LEU B 57 -15.44 21.66 -10.63
CA LEU B 57 -14.93 22.92 -10.08
C LEU B 57 -13.47 23.14 -10.46
N ILE B 58 -12.70 22.06 -10.55
CA ILE B 58 -11.28 22.17 -10.89
C ILE B 58 -11.13 22.46 -12.37
N ALA B 59 -11.84 21.71 -13.21
CA ALA B 59 -11.77 21.93 -14.66
C ALA B 59 -12.21 23.34 -15.04
N LEU B 60 -13.24 23.86 -14.35
CA LEU B 60 -13.71 25.20 -14.67
C LEU B 60 -12.74 26.27 -14.19
N ASP B 61 -12.18 26.10 -12.99
CA ASP B 61 -11.22 27.10 -12.51
C ASP B 61 -9.96 27.12 -13.37
N LEU B 62 -9.63 26.00 -14.02
CA LEU B 62 -8.44 25.89 -14.84
C LEU B 62 -8.71 26.08 -16.32
N GLY B 63 -9.93 26.45 -16.70
CA GLY B 63 -10.22 26.63 -18.11
C GLY B 63 -10.19 25.37 -18.94
N VAL B 64 -10.02 24.20 -18.31
CA VAL B 64 -10.20 22.94 -19.02
C VAL B 64 -11.62 22.89 -19.61
N VAL B 65 -12.57 23.48 -18.91
CA VAL B 65 -13.94 23.68 -19.39
C VAL B 65 -14.19 25.18 -19.39
N LYS B 66 -14.53 25.73 -20.56
CA LYS B 66 -14.71 27.18 -20.66
C LYS B 66 -15.97 27.63 -19.95
N ASP B 67 -17.06 26.89 -20.11
CA ASP B 67 -18.34 27.21 -19.48
C ASP B 67 -19.27 26.02 -19.67
N GLU B 68 -20.49 26.16 -19.15
CA GLU B 68 -21.43 25.06 -19.09
C GLU B 68 -22.01 24.67 -20.46
N HIS B 69 -21.77 25.47 -21.50
CA HIS B 69 -22.31 25.21 -22.82
C HIS B 69 -21.28 24.68 -23.80
N GLN B 70 -20.00 24.64 -23.44
CA GLN B 70 -18.99 24.10 -24.33
C GLN B 70 -19.26 22.62 -24.57
N VAL B 71 -19.23 22.23 -25.84
CA VAL B 71 -19.68 20.91 -26.27
C VAL B 71 -18.48 19.99 -26.34
N PHE B 72 -18.55 18.85 -25.65
CA PHE B 72 -17.50 17.84 -25.73
C PHE B 72 -18.04 16.67 -26.53
N LYS B 73 -17.43 16.39 -27.67
CA LYS B 73 -18.01 15.46 -28.61
C LYS B 73 -17.71 14.01 -28.23
N TRP B 74 -18.61 13.13 -28.64
CA TRP B 74 -18.42 11.70 -28.42
C TRP B 74 -17.21 11.20 -29.19
N ASP B 75 -16.45 10.29 -28.57
CA ASP B 75 -15.23 9.79 -29.18
C ASP B 75 -15.46 8.60 -30.10
N GLY B 76 -16.71 8.36 -30.52
CA GLY B 76 -17.02 7.32 -31.46
C GLY B 76 -17.11 5.92 -30.87
N GLN B 77 -16.68 5.72 -29.64
CA GLN B 77 -16.66 4.41 -29.01
C GLN B 77 -17.99 4.14 -28.31
N THR B 78 -18.70 3.10 -28.75
CA THR B 78 -20.00 2.77 -28.18
C THR B 78 -19.82 2.10 -26.83
N ARG B 79 -20.19 2.80 -25.77
CA ARG B 79 -20.15 2.24 -24.42
C ARG B 79 -21.55 1.82 -23.98
N ASP B 80 -21.61 1.13 -22.85
CA ASP B 80 -22.75 0.30 -22.50
C ASP B 80 -23.91 1.08 -21.91
N ILE B 81 -23.80 2.40 -21.77
CA ILE B 81 -24.89 3.26 -21.32
C ILE B 81 -25.19 4.23 -22.46
N ALA B 82 -26.40 4.11 -23.02
CA ALA B 82 -26.71 4.77 -24.28
C ALA B 82 -26.53 6.28 -24.21
N THR B 83 -26.89 6.89 -23.08
CA THR B 83 -26.80 8.34 -22.97
C THR B 83 -25.37 8.85 -23.11
N TRP B 84 -24.37 7.99 -22.94
CA TRP B 84 -22.98 8.40 -23.09
C TRP B 84 -22.56 8.56 -24.55
N ASN B 85 -23.28 7.94 -25.47
CA ASN B 85 -22.82 7.82 -26.87
C ASN B 85 -23.30 9.00 -27.70
N ARG B 86 -23.10 10.20 -27.19
CA ARG B 86 -23.50 11.42 -27.88
C ARG B 86 -22.64 12.57 -27.36
N ASP B 87 -22.82 13.74 -27.96
CA ASP B 87 -22.14 14.94 -27.52
C ASP B 87 -22.78 15.47 -26.24
N HIS B 88 -21.95 16.12 -25.42
CA HIS B 88 -22.39 16.57 -24.11
C HIS B 88 -21.77 17.93 -23.80
N ASN B 89 -22.43 18.68 -22.94
CA ASN B 89 -21.85 19.82 -22.25
C ASN B 89 -21.76 19.48 -20.77
N LEU B 90 -21.31 20.46 -19.98
CA LEU B 90 -21.16 20.22 -18.55
C LEU B 90 -22.49 19.83 -17.90
N ILE B 91 -23.58 20.53 -18.26
CA ILE B 91 -24.89 20.21 -17.71
C ILE B 91 -25.24 18.74 -17.95
N THR B 92 -25.16 18.32 -19.22
CA THR B 92 -25.62 16.98 -19.58
C THR B 92 -24.65 15.90 -19.11
N ALA B 93 -23.35 16.17 -19.17
CA ALA B 93 -22.37 15.18 -18.72
C ALA B 93 -22.53 14.88 -17.24
N MET B 94 -22.96 15.86 -16.45
CA MET B 94 -23.21 15.59 -15.04
C MET B 94 -24.55 14.89 -14.83
N LYS B 95 -25.59 15.36 -15.52
CA LYS B 95 -26.91 14.73 -15.40
C LYS B 95 -26.85 13.24 -15.72
N TYR B 96 -26.11 12.87 -16.78
CA TYR B 96 -26.04 11.48 -17.20
C TYR B 96 -24.79 10.77 -16.69
N SER B 97 -23.97 11.43 -15.87
CA SER B 97 -22.79 10.81 -15.27
C SER B 97 -21.86 10.23 -16.34
N VAL B 98 -21.56 11.05 -17.35
CA VAL B 98 -20.80 10.58 -18.51
C VAL B 98 -19.32 10.52 -18.15
N VAL B 99 -18.87 9.36 -17.67
CA VAL B 99 -17.50 9.21 -17.21
C VAL B 99 -16.46 9.58 -18.27
N PRO B 100 -16.56 9.12 -19.53
CA PRO B 100 -15.50 9.45 -20.51
C PRO B 100 -15.21 10.94 -20.61
N VAL B 101 -16.23 11.78 -20.49
CA VAL B 101 -16.03 13.22 -20.58
C VAL B 101 -15.18 13.72 -19.42
N TYR B 102 -15.45 13.25 -18.21
CA TYR B 102 -14.67 13.67 -17.05
C TYR B 102 -13.31 13.00 -16.99
N GLN B 103 -13.16 11.80 -17.57
CA GLN B 103 -11.84 11.23 -17.72
C GLN B 103 -10.95 12.15 -18.54
N GLU B 104 -11.52 12.76 -19.59
CA GLU B 104 -10.76 13.71 -20.40
C GLU B 104 -10.40 14.96 -19.60
N PHE B 105 -11.35 15.48 -18.81
CA PHE B 105 -11.05 16.60 -17.91
C PHE B 105 -9.88 16.27 -17.01
N ALA B 106 -9.97 15.12 -16.32
CA ALA B 106 -8.92 14.70 -15.40
C ALA B 106 -7.57 14.65 -16.09
N ARG B 107 -7.51 14.05 -17.27
CA ARG B 107 -6.23 13.95 -17.99
C ARG B 107 -5.67 15.34 -18.28
N GLN B 108 -6.54 16.30 -18.61
CA GLN B 108 -6.08 17.65 -18.90
C GLN B 108 -5.74 18.40 -17.61
N ILE B 109 -6.49 18.16 -16.53
CA ILE B 109 -6.13 18.72 -15.23
C ILE B 109 -4.75 18.24 -14.81
N GLY B 110 -4.51 16.95 -14.95
CA GLY B 110 -3.26 16.34 -14.54
C GLY B 110 -3.26 15.97 -13.07
N GLU B 111 -2.41 15.00 -12.72
CA GLU B 111 -2.39 14.50 -11.35
C GLU B 111 -1.91 15.57 -10.37
N ALA B 112 -0.92 16.38 -10.77
CA ALA B 112 -0.35 17.36 -9.85
C ALA B 112 -1.40 18.39 -9.45
N ARG B 113 -2.03 19.04 -10.43
CA ARG B 113 -3.01 20.08 -10.11
C ARG B 113 -4.25 19.48 -9.48
N MET B 114 -4.62 18.26 -9.84
CA MET B 114 -5.72 17.58 -9.17
C MET B 114 -5.41 17.36 -7.69
N SER B 115 -4.21 16.86 -7.40
CA SER B 115 -3.81 16.57 -6.02
C SER B 115 -3.85 17.81 -5.15
N LYS B 116 -3.24 18.91 -5.61
CA LYS B 116 -3.15 20.11 -4.78
C LYS B 116 -4.52 20.68 -4.45
N MET B 117 -5.43 20.67 -5.40
CA MET B 117 -6.70 21.35 -5.15
C MET B 117 -7.66 20.50 -4.33
N LEU B 118 -7.60 19.17 -4.47
CA LEU B 118 -8.31 18.32 -3.53
C LEU B 118 -7.83 18.59 -2.10
N HIS B 119 -6.53 18.81 -1.92
CA HIS B 119 -6.04 19.24 -0.60
C HIS B 119 -6.59 20.61 -0.24
N ALA B 120 -6.65 21.53 -1.22
CA ALA B 120 -7.23 22.84 -0.96
C ALA B 120 -8.70 22.75 -0.59
N PHE B 121 -9.41 21.75 -1.13
CA PHE B 121 -10.82 21.55 -0.82
C PHE B 121 -11.04 20.82 0.49
N ASP B 122 -10.00 20.24 1.09
CA ASP B 122 -10.14 19.41 2.28
C ASP B 122 -11.04 18.21 1.99
N TYR B 123 -10.91 17.68 0.77
CA TYR B 123 -11.87 16.72 0.22
C TYR B 123 -11.48 15.31 0.62
N GLY B 124 -12.29 14.69 1.47
CA GLY B 124 -12.07 13.31 1.88
C GLY B 124 -10.66 13.10 2.40
N ASN B 125 -10.07 11.96 2.02
CA ASN B 125 -8.69 11.68 2.39
C ASN B 125 -7.68 12.30 1.44
N GLU B 126 -8.14 13.07 0.44
CA GLU B 126 -7.27 13.86 -0.43
C GLU B 126 -6.21 13.02 -1.14
N ASP B 127 -6.56 11.78 -1.50
CA ASP B 127 -5.61 10.84 -2.08
C ASP B 127 -6.05 10.46 -3.48
N ILE B 128 -5.24 10.80 -4.48
CA ILE B 128 -5.58 10.55 -5.87
C ILE B 128 -4.76 9.42 -6.46
N SER B 129 -4.10 8.61 -5.62
CA SER B 129 -3.26 7.54 -6.13
C SER B 129 -4.07 6.58 -7.00
N GLY B 130 -3.42 6.05 -8.02
CA GLY B 130 -4.09 5.35 -9.10
C GLY B 130 -4.02 6.14 -10.40
N ASN B 131 -4.77 5.68 -11.38
CA ASN B 131 -4.81 6.37 -12.66
C ASN B 131 -5.55 7.70 -12.52
N VAL B 132 -5.00 8.76 -13.13
CA VAL B 132 -5.56 10.09 -12.97
C VAL B 132 -6.96 10.18 -13.56
N ASP B 133 -7.31 9.28 -14.48
CA ASP B 133 -8.62 9.32 -15.13
C ASP B 133 -9.54 8.24 -14.60
N SER B 134 -9.14 7.57 -13.50
CA SER B 134 -10.05 6.61 -12.87
C SER B 134 -9.92 6.54 -11.36
N PHE B 135 -9.12 7.41 -10.71
CA PHE B 135 -8.84 7.24 -9.29
C PHE B 135 -10.12 7.28 -8.45
N TRP B 136 -11.07 8.15 -8.82
CA TRP B 136 -12.33 8.22 -8.08
C TRP B 136 -13.22 7.02 -8.32
N LEU B 137 -12.87 6.16 -9.28
CA LEU B 137 -13.62 4.94 -9.56
C LEU B 137 -12.96 3.69 -9.01
N ASP B 138 -11.63 3.62 -8.97
CA ASP B 138 -10.94 2.42 -8.50
C ASP B 138 -9.54 2.73 -7.99
N GLY B 139 -9.34 3.94 -7.47
CA GLY B 139 -8.07 4.32 -6.91
C GLY B 139 -8.13 4.51 -5.41
N GLY B 140 -7.34 5.44 -4.88
CA GLY B 140 -7.18 5.59 -3.45
C GLY B 140 -8.06 6.60 -2.75
N ILE B 141 -8.91 7.33 -3.46
CA ILE B 141 -9.68 8.42 -2.86
C ILE B 141 -10.81 7.85 -2.02
N ARG B 142 -11.01 8.42 -0.83
CA ARG B 142 -12.07 7.98 0.07
C ARG B 142 -12.73 9.20 0.70
N ILE B 143 -14.06 9.16 0.79
CA ILE B 143 -14.82 10.24 1.42
C ILE B 143 -16.03 9.64 2.13
N SER B 144 -16.33 10.17 3.31
CA SER B 144 -17.47 9.76 4.10
C SER B 144 -18.67 10.69 3.83
N ALA B 145 -19.84 10.29 4.34
CA ALA B 145 -21.04 11.08 4.13
C ALA B 145 -20.96 12.42 4.84
N THR B 146 -20.43 12.45 6.07
CA THR B 146 -20.27 13.73 6.76
C THR B 146 -19.24 14.60 6.06
N GLU B 147 -18.20 14.00 5.47
CA GLU B 147 -17.24 14.77 4.70
C GLU B 147 -17.85 15.33 3.43
N GLN B 148 -18.80 14.61 2.83
CA GLN B 148 -19.51 15.16 1.68
C GLN B 148 -20.32 16.38 2.09
N ILE B 149 -21.01 16.30 3.23
CA ILE B 149 -21.78 17.44 3.73
C ILE B 149 -20.87 18.65 3.92
N SER B 150 -19.75 18.45 4.62
CA SER B 150 -18.84 19.56 4.90
C SER B 150 -18.32 20.19 3.61
N PHE B 151 -18.01 19.37 2.61
CA PHE B 151 -17.59 19.89 1.31
C PHE B 151 -18.72 20.66 0.64
N LEU B 152 -19.93 20.10 0.65
CA LEU B 152 -21.07 20.76 0.01
C LEU B 152 -21.41 22.08 0.69
N ARG B 153 -21.24 22.17 2.01
CA ARG B 153 -21.55 23.41 2.70
C ARG B 153 -20.63 24.54 2.26
N LYS B 154 -19.35 24.24 2.05
CA LYS B 154 -18.44 25.26 1.54
C LYS B 154 -18.83 25.67 0.12
N LEU B 155 -19.23 24.70 -0.71
CA LEU B 155 -19.67 25.02 -2.07
C LEU B 155 -20.89 25.94 -2.04
N TYR B 156 -21.90 25.59 -1.23
CA TYR B 156 -23.11 26.40 -1.16
C TYR B 156 -22.80 27.84 -0.80
N HIS B 157 -21.82 28.05 0.09
CA HIS B 157 -21.49 29.38 0.57
C HIS B 157 -20.39 30.06 -0.25
N ASN B 158 -19.95 29.44 -1.35
CA ASN B 158 -18.88 29.98 -2.20
C ASN B 158 -17.56 30.12 -1.43
N LYS B 159 -17.30 29.23 -0.48
CA LYS B 159 -16.09 29.33 0.33
C LYS B 159 -14.98 28.37 -0.10
N LEU B 160 -15.19 27.57 -1.14
CA LEU B 160 -14.12 26.74 -1.65
C LEU B 160 -13.04 27.58 -2.33
N HIS B 161 -11.83 27.03 -2.40
CA HIS B 161 -10.66 27.74 -2.90
C HIS B 161 -10.64 27.73 -4.44
N VAL B 162 -11.73 28.25 -5.00
CA VAL B 162 -11.90 28.47 -6.44
C VAL B 162 -12.73 29.73 -6.64
N SER B 163 -12.87 30.11 -7.90
CA SER B 163 -13.61 31.32 -8.20
C SER B 163 -15.08 31.18 -7.80
N GLU B 164 -15.69 32.31 -7.45
CA GLU B 164 -17.13 32.31 -7.27
C GLU B 164 -17.82 31.78 -8.53
N ARG B 165 -17.31 32.19 -9.70
CA ARG B 165 -17.93 31.80 -10.97
C ARG B 165 -17.93 30.29 -11.16
N SER B 166 -16.79 29.63 -10.89
CA SER B 166 -16.75 28.17 -10.97
C SER B 166 -17.78 27.54 -10.04
N GLN B 167 -17.93 28.09 -8.84
CA GLN B 167 -18.85 27.50 -7.88
C GLN B 167 -20.31 27.74 -8.28
N ARG B 168 -20.62 28.91 -8.82
CA ARG B 168 -21.97 29.15 -9.31
C ARG B 168 -22.30 28.24 -10.49
N ILE B 169 -21.34 28.04 -11.39
CA ILE B 169 -21.59 27.20 -12.56
C ILE B 169 -21.84 25.75 -12.14
N VAL B 170 -21.00 25.22 -11.25
CA VAL B 170 -21.18 23.84 -10.79
C VAL B 170 -22.49 23.70 -10.03
N LYS B 171 -22.82 24.68 -9.19
CA LYS B 171 -24.10 24.63 -8.48
C LYS B 171 -25.27 24.69 -9.45
N GLN B 172 -25.12 25.41 -10.57
CA GLN B 172 -26.12 25.35 -11.63
C GLN B 172 -26.22 23.95 -12.20
N ALA B 173 -25.08 23.33 -12.52
CA ALA B 173 -25.07 22.02 -13.16
C ALA B 173 -25.58 20.92 -12.23
N MET B 174 -25.56 21.14 -10.91
CA MET B 174 -26.10 20.18 -9.96
C MET B 174 -27.61 20.15 -9.93
N LEU B 175 -28.28 21.09 -10.60
CA LEU B 175 -29.74 21.17 -10.58
C LEU B 175 -30.36 19.85 -11.01
N THR B 176 -31.20 19.30 -10.14
CA THR B 176 -31.84 18.01 -10.39
C THR B 176 -33.36 18.11 -10.42
N GLU B 177 -33.95 18.90 -9.54
CA GLU B 177 -35.39 18.98 -9.42
C GLU B 177 -35.78 20.33 -8.84
N ALA B 178 -36.89 20.88 -9.29
CA ALA B 178 -37.37 22.14 -8.75
C ALA B 178 -38.86 22.29 -9.00
N ASN B 179 -39.58 22.82 -8.01
CA ASN B 179 -40.98 23.16 -8.13
C ASN B 179 -41.28 24.28 -7.15
N GLY B 180 -42.56 24.61 -6.99
CA GLY B 180 -42.94 25.66 -6.06
C GLY B 180 -42.66 25.34 -4.60
N ASP B 181 -42.25 24.11 -4.29
CA ASP B 181 -42.00 23.71 -2.91
C ASP B 181 -40.51 23.66 -2.56
N TYR B 182 -39.65 23.27 -3.49
CA TYR B 182 -38.26 23.03 -3.14
C TYR B 182 -37.41 22.97 -4.39
N ILE B 183 -36.10 23.09 -4.19
CA ILE B 183 -35.09 22.92 -5.22
C ILE B 183 -34.08 21.91 -4.70
N ILE B 184 -33.75 20.91 -5.52
CA ILE B 184 -32.73 19.93 -5.17
C ILE B 184 -31.56 20.10 -6.13
N ARG B 185 -30.39 20.38 -5.58
CA ARG B 185 -29.12 20.30 -6.29
C ARG B 185 -28.37 19.11 -5.72
N ALA B 186 -28.00 18.17 -6.58
CA ALA B 186 -27.47 16.90 -6.09
C ALA B 186 -26.65 16.25 -7.19
N LYS B 187 -26.02 15.13 -6.82
CA LYS B 187 -25.21 14.35 -7.75
C LYS B 187 -25.22 12.89 -7.32
N THR B 188 -25.58 12.01 -8.25
CA THR B 188 -25.55 10.58 -7.99
C THR B 188 -24.15 10.02 -8.19
N GLY B 189 -23.96 8.79 -7.72
CA GLY B 189 -22.71 8.07 -7.92
C GLY B 189 -22.92 6.60 -7.66
N TYR B 190 -22.15 5.78 -8.37
CA TYR B 190 -22.24 4.33 -8.23
C TYR B 190 -20.84 3.75 -8.26
N SER B 191 -20.36 3.27 -7.11
CA SER B 191 -19.04 2.65 -7.01
C SER B 191 -19.19 1.15 -7.20
N THR B 192 -18.54 0.61 -8.23
CA THR B 192 -18.69 -0.79 -8.59
C THR B 192 -17.41 -1.61 -8.55
N ARG B 193 -16.24 -0.96 -8.57
CA ARG B 193 -14.99 -1.69 -8.79
C ARG B 193 -14.37 -2.19 -7.49
N ILE B 194 -14.81 -1.70 -6.33
CA ILE B 194 -14.33 -2.16 -5.03
C ILE B 194 -15.55 -2.51 -4.17
N GLU B 195 -15.53 -3.69 -3.57
CA GLU B 195 -16.63 -4.32 -2.86
C GLU B 195 -16.67 -3.86 -1.40
N PRO B 196 -17.87 -3.68 -0.82
CA PRO B 196 -19.17 -3.87 -1.49
C PRO B 196 -19.52 -2.70 -2.40
N LYS B 197 -20.40 -2.97 -3.36
CA LYS B 197 -20.89 -1.93 -4.25
C LYS B 197 -21.81 -0.99 -3.49
N ILE B 198 -21.64 0.31 -3.71
CA ILE B 198 -22.47 1.29 -3.03
C ILE B 198 -22.95 2.34 -4.02
N GLY B 199 -24.16 2.83 -3.79
CA GLY B 199 -24.72 3.95 -4.53
C GLY B 199 -24.76 5.19 -3.66
N TRP B 200 -24.44 6.33 -4.24
CA TRP B 200 -24.43 7.62 -3.56
C TRP B 200 -25.55 8.52 -4.09
N TRP B 201 -26.06 9.38 -3.21
CA TRP B 201 -26.74 10.60 -3.61
C TRP B 201 -26.38 11.68 -2.60
N VAL B 202 -25.78 12.77 -3.07
CA VAL B 202 -25.32 13.85 -2.22
C VAL B 202 -25.79 15.16 -2.81
N GLY B 203 -26.15 16.10 -1.95
CA GLY B 203 -26.53 17.42 -2.38
C GLY B 203 -27.23 18.21 -1.30
N TRP B 204 -28.21 19.03 -1.66
CA TRP B 204 -28.97 19.76 -0.66
C TRP B 204 -30.33 20.15 -1.23
N VAL B 205 -31.21 20.56 -0.33
CA VAL B 205 -32.58 20.94 -0.64
C VAL B 205 -32.74 22.40 -0.23
N GLU B 206 -33.08 23.25 -1.19
CA GLU B 206 -33.29 24.67 -0.90
C GLU B 206 -34.78 24.90 -0.66
N LEU B 207 -35.10 25.41 0.53
CA LEU B 207 -36.44 25.87 0.85
C LEU B 207 -36.46 27.40 0.85
N ASP B 208 -37.66 27.95 1.06
CA ASP B 208 -37.81 29.41 1.12
C ASP B 208 -36.93 30.01 2.22
N ASP B 209 -36.88 29.36 3.39
CA ASP B 209 -36.27 29.92 4.58
C ASP B 209 -35.17 29.06 5.20
N ASN B 210 -34.67 28.05 4.48
CA ASN B 210 -33.67 27.15 5.02
C ASN B 210 -33.02 26.37 3.89
N VAL B 211 -31.95 25.65 4.23
CA VAL B 211 -31.33 24.69 3.32
C VAL B 211 -31.03 23.43 4.11
N TRP B 212 -31.37 22.27 3.55
CA TRP B 212 -31.10 20.98 4.16
C TRP B 212 -30.09 20.27 3.27
N PHE B 213 -28.85 20.19 3.74
CA PHE B 213 -27.84 19.38 3.06
C PHE B 213 -28.09 17.92 3.35
N PHE B 214 -27.83 17.06 2.35
CA PHE B 214 -27.93 15.63 2.57
C PHE B 214 -26.78 14.92 1.89
N ALA B 215 -26.41 13.77 2.46
CA ALA B 215 -25.47 12.84 1.85
C ALA B 215 -25.92 11.45 2.25
N MET B 216 -26.25 10.62 1.25
CA MET B 216 -26.66 9.25 1.50
C MET B 216 -25.81 8.30 0.67
N ASN B 217 -25.56 7.12 1.24
CA ASN B 217 -25.06 6.00 0.46
C ASN B 217 -25.72 4.72 0.96
N MET B 218 -25.61 3.69 0.12
CA MET B 218 -26.46 2.51 0.18
C MET B 218 -25.73 1.34 -0.45
N ASP B 219 -25.93 0.15 0.11
CA ASP B 219 -25.45 -1.05 -0.57
C ASP B 219 -26.25 -1.26 -1.84
N MET B 220 -25.56 -1.53 -2.96
CA MET B 220 -26.24 -1.63 -4.25
C MET B 220 -25.60 -2.71 -5.11
N PRO B 221 -26.07 -3.96 -4.98
CA PRO B 221 -25.45 -5.06 -5.74
C PRO B 221 -25.74 -5.03 -7.23
N THR B 222 -26.76 -4.28 -7.68
CA THR B 222 -27.12 -4.31 -9.09
C THR B 222 -27.60 -2.94 -9.54
N SER B 223 -27.48 -2.70 -10.85
CA SER B 223 -27.97 -1.47 -11.45
C SER B 223 -29.49 -1.30 -11.30
N ASP B 224 -30.21 -2.38 -11.05
CA ASP B 224 -31.67 -2.35 -11.13
C ASP B 224 -32.31 -1.60 -9.96
N GLY B 225 -31.55 -1.31 -8.90
CA GLY B 225 -32.10 -0.64 -7.74
C GLY B 225 -31.53 0.73 -7.48
N LEU B 226 -30.94 1.37 -8.48
CA LEU B 226 -30.31 2.67 -8.26
C LEU B 226 -31.34 3.75 -7.98
N GLY B 227 -32.57 3.59 -8.46
CA GLY B 227 -33.62 4.55 -8.15
C GLY B 227 -34.01 4.59 -6.68
N LEU B 228 -33.59 3.60 -5.89
CA LEU B 228 -33.86 3.63 -4.46
C LEU B 228 -33.08 4.72 -3.75
N ARG B 229 -31.98 5.20 -4.34
CA ARG B 229 -31.23 6.29 -3.72
C ARG B 229 -32.11 7.52 -3.54
N GLN B 230 -32.83 7.91 -4.60
CA GLN B 230 -33.70 9.07 -4.51
C GLN B 230 -34.96 8.77 -3.74
N ALA B 231 -35.51 7.57 -3.89
CA ALA B 231 -36.76 7.21 -3.21
C ALA B 231 -36.57 7.20 -1.70
N ILE B 232 -35.54 6.49 -1.22
CA ILE B 232 -35.30 6.41 0.22
C ILE B 232 -35.02 7.78 0.80
N THR B 233 -34.17 8.56 0.12
CA THR B 233 -33.87 9.92 0.59
C THR B 233 -35.14 10.76 0.67
N LYS B 234 -35.99 10.70 -0.36
CA LYS B 234 -37.20 11.50 -0.36
C LYS B 234 -38.17 11.05 0.73
N GLU B 235 -38.20 9.75 1.06
CA GLU B 235 -39.02 9.30 2.17
C GLU B 235 -38.53 9.87 3.49
N VAL B 236 -37.20 9.94 3.67
CA VAL B 236 -36.64 10.59 4.86
C VAL B 236 -37.05 12.06 4.89
N LEU B 237 -36.87 12.76 3.78
CA LEU B 237 -37.26 14.17 3.71
C LEU B 237 -38.74 14.37 3.99
N LYS B 238 -39.58 13.49 3.49
CA LYS B 238 -41.02 13.59 3.75
C LYS B 238 -41.34 13.35 5.22
N GLN B 239 -40.70 12.35 5.84
CA GLN B 239 -40.97 12.08 7.25
C GLN B 239 -40.58 13.27 8.12
N GLU B 240 -39.48 13.93 7.77
CA GLU B 240 -38.97 15.06 8.56
C GLU B 240 -39.63 16.38 8.19
N LYS B 241 -40.66 16.34 7.33
CA LYS B 241 -41.43 17.53 6.95
C LYS B 241 -40.57 18.54 6.19
N ILE B 242 -39.53 18.05 5.51
CA ILE B 242 -38.68 18.94 4.72
C ILE B 242 -39.29 19.19 3.34
N ILE B 243 -39.83 18.15 2.71
CA ILE B 243 -40.59 18.30 1.48
C ILE B 243 -42.01 17.80 1.73
N PRO B 244 -42.99 18.27 0.96
CA PRO B 244 -44.39 17.85 1.15
C PRO B 244 -44.60 16.37 0.88
N MET C 3 31.72 -14.17 -12.42
CA MET C 3 31.11 -13.01 -13.05
C MET C 3 30.44 -12.10 -12.03
N TRP C 4 29.84 -12.70 -10.99
CA TRP C 4 29.29 -11.98 -9.86
C TRP C 4 29.81 -12.60 -8.57
N GLN C 5 30.34 -11.76 -7.67
CA GLN C 5 30.86 -12.22 -6.39
C GLN C 5 30.12 -11.50 -5.25
N GLU C 6 29.71 -12.26 -4.24
CA GLU C 6 29.09 -11.69 -3.05
C GLU C 6 30.15 -11.24 -2.05
N ASN C 7 29.86 -10.13 -1.38
CA ASN C 7 30.81 -9.56 -0.42
C ASN C 7 30.01 -8.89 0.71
N LYS C 8 29.76 -9.64 1.78
CA LYS C 8 29.05 -9.12 2.94
C LYS C 8 29.93 -8.23 3.80
N SER C 9 31.21 -8.06 3.44
CA SER C 9 32.06 -7.10 4.13
C SER C 9 31.44 -5.71 4.10
N TRP C 10 30.70 -5.38 3.03
CA TRP C 10 30.11 -4.06 2.86
C TRP C 10 28.90 -3.84 3.75
N ASN C 11 28.27 -4.91 4.24
CA ASN C 11 27.10 -4.76 5.10
C ASN C 11 27.42 -3.95 6.35
N ALA C 12 28.67 -3.99 6.80
CA ALA C 12 29.08 -3.21 7.96
C ALA C 12 28.84 -1.72 7.74
N HIS C 13 29.02 -1.25 6.50
CA HIS C 13 28.78 0.17 6.21
C HIS C 13 27.31 0.54 6.28
N PHE C 14 26.41 -0.40 5.96
CA PHE C 14 24.99 -0.13 6.12
C PHE C 14 24.59 -0.13 7.59
N THR C 15 25.00 -1.15 8.34
CA THR C 15 24.60 -1.25 9.74
C THR C 15 25.23 -0.15 10.59
N GLU C 16 26.43 0.32 10.25
CA GLU C 16 27.07 1.37 11.04
C GLU C 16 26.25 2.66 11.02
N HIS C 17 25.45 2.86 9.98
CA HIS C 17 24.55 4.00 9.87
C HIS C 17 23.10 3.64 10.14
N LYS C 18 22.86 2.49 10.78
CA LYS C 18 21.51 2.01 11.10
C LYS C 18 20.68 1.94 9.82
N SER C 19 21.27 1.39 8.76
CA SER C 19 20.69 1.49 7.42
C SER C 19 20.61 0.11 6.78
N GLN C 20 20.10 0.08 5.54
CA GLN C 20 19.80 -1.21 4.93
C GLN C 20 19.66 -1.01 3.42
N GLY C 21 20.40 -1.79 2.64
CA GLY C 21 20.27 -1.70 1.19
C GLY C 21 21.29 -2.57 0.48
N VAL C 22 21.66 -2.14 -0.72
CA VAL C 22 22.54 -2.93 -1.60
C VAL C 22 23.39 -1.98 -2.42
N VAL C 23 24.67 -2.34 -2.58
CA VAL C 23 25.58 -1.67 -3.50
C VAL C 23 26.06 -2.69 -4.52
N VAL C 24 26.01 -2.32 -5.80
CA VAL C 24 26.48 -3.18 -6.88
C VAL C 24 27.59 -2.44 -7.62
N LEU C 25 28.73 -3.09 -7.78
CA LEU C 25 29.86 -2.55 -8.51
C LEU C 25 30.15 -3.43 -9.72
N TRP C 26 30.58 -2.82 -10.82
CA TRP C 26 30.95 -3.54 -12.02
C TRP C 26 32.29 -3.01 -12.51
N ASN C 27 33.30 -3.88 -12.50
CA ASN C 27 34.62 -3.55 -13.03
C ASN C 27 34.59 -3.75 -14.54
N GLU C 28 34.72 -2.65 -15.29
CA GLU C 28 34.55 -2.74 -16.74
C GLU C 28 35.72 -3.47 -17.40
N ASN C 29 36.95 -3.19 -16.96
CA ASN C 29 38.11 -3.87 -17.53
C ASN C 29 38.01 -5.38 -17.34
N LYS C 30 37.69 -5.81 -16.13
CA LYS C 30 37.71 -7.22 -15.77
C LYS C 30 36.39 -7.93 -16.03
N GLN C 31 35.33 -7.20 -16.41
CA GLN C 31 34.02 -7.79 -16.62
C GLN C 31 33.58 -8.60 -15.40
N GLN C 32 33.81 -8.02 -14.22
CA GLN C 32 33.46 -8.64 -12.95
C GLN C 32 32.50 -7.74 -12.19
N GLY C 33 31.54 -8.36 -11.51
CA GLY C 33 30.64 -7.63 -10.64
C GLY C 33 30.74 -8.04 -9.19
N PHE C 34 30.29 -7.16 -8.29
CA PHE C 34 30.37 -7.41 -6.86
C PHE C 34 29.15 -6.76 -6.19
N THR C 35 28.70 -7.35 -5.09
CA THR C 35 27.60 -6.78 -4.34
C THR C 35 27.50 -7.45 -2.97
N ASN C 36 26.95 -6.71 -2.01
CA ASN C 36 26.72 -7.22 -0.67
C ASN C 36 25.45 -8.05 -0.55
N ASN C 37 24.65 -8.15 -1.61
CA ASN C 37 23.34 -8.81 -1.52
C ASN C 37 22.87 -9.12 -2.95
N LEU C 38 23.14 -10.35 -3.40
CA LEU C 38 22.76 -10.72 -4.77
C LEU C 38 21.25 -10.69 -4.96
N LYS C 39 20.49 -11.16 -3.98
CA LYS C 39 19.04 -11.16 -4.12
C LYS C 39 18.49 -9.75 -4.30
N ARG C 40 18.85 -8.84 -3.38
CA ARG C 40 18.37 -7.47 -3.49
C ARG C 40 18.92 -6.80 -4.74
N ALA C 41 20.17 -7.11 -5.12
CA ALA C 41 20.76 -6.55 -6.33
C ALA C 41 19.90 -6.81 -7.55
N ASN C 42 19.10 -7.87 -7.54
CA ASN C 42 18.30 -8.25 -8.70
C ASN C 42 16.81 -8.03 -8.46
N GLN C 43 16.43 -7.36 -7.37
CA GLN C 43 15.04 -7.02 -7.10
C GLN C 43 14.72 -5.65 -7.68
N ALA C 44 13.56 -5.55 -8.30
CA ALA C 44 13.19 -4.39 -9.10
C ALA C 44 12.40 -3.39 -8.26
N PHE C 45 12.75 -2.12 -8.37
CA PHE C 45 12.11 -1.03 -7.64
C PHE C 45 11.71 0.06 -8.63
N LEU C 46 10.85 0.97 -8.15
CA LEU C 46 10.59 2.20 -8.89
C LEU C 46 11.90 2.95 -9.10
N PRO C 47 12.20 3.38 -10.33
CA PRO C 47 13.45 4.13 -10.55
C PRO C 47 13.45 5.51 -9.92
N ALA C 48 12.29 6.09 -9.65
CA ALA C 48 12.16 7.49 -9.20
C ALA C 48 13.03 8.37 -10.10
N SER C 49 13.89 9.24 -9.56
CA SER C 49 14.54 10.24 -10.38
C SER C 49 15.74 9.70 -11.16
N THR C 50 16.15 8.45 -10.91
CA THR C 50 17.13 7.85 -11.81
C THR C 50 16.57 7.66 -13.20
N PHE C 51 15.25 7.73 -13.35
CA PHE C 51 14.61 7.67 -14.65
C PHE C 51 14.90 8.93 -15.47
N KCX C 52 15.49 9.95 -14.85
CA KCX C 52 15.83 11.16 -15.58
CB KCX C 52 16.20 12.29 -14.62
CG KCX C 52 14.98 12.94 -13.97
CD KCX C 52 15.34 14.11 -13.06
CE KCX C 52 14.10 14.71 -12.41
NZ KCX C 52 13.38 13.73 -11.53
C KCX C 52 16.95 10.89 -16.58
O KCX C 52 17.18 11.69 -17.48
CX KCX C 52 12.32 13.05 -11.94
OQ1 KCX C 52 11.86 13.19 -13.08
OQ2 KCX C 52 11.78 12.24 -11.15
N ILE C 53 17.65 9.77 -16.43
CA ILE C 53 18.67 9.41 -17.42
C ILE C 53 17.97 8.99 -18.72
N PRO C 54 17.17 7.92 -18.72
CA PRO C 54 16.50 7.56 -20.00
C PRO C 54 15.55 8.63 -20.48
N ASN C 55 14.83 9.29 -19.56
CA ASN C 55 13.90 10.34 -19.97
C ASN C 55 14.62 11.46 -20.70
N SER C 56 15.82 11.83 -20.23
CA SER C 56 16.58 12.87 -20.92
C SER C 56 17.00 12.40 -22.31
N LEU C 57 17.49 11.17 -22.40
CA LEU C 57 17.91 10.63 -23.69
C LEU C 57 16.78 10.69 -24.71
N ILE C 58 15.57 10.32 -24.29
CA ILE C 58 14.43 10.29 -25.21
C ILE C 58 14.03 11.70 -25.62
N ALA C 59 13.93 12.62 -24.66
CA ALA C 59 13.55 13.98 -24.98
C ALA C 59 14.54 14.64 -25.93
N LEU C 60 15.82 14.31 -25.80
CA LEU C 60 16.82 14.87 -26.70
C LEU C 60 16.69 14.30 -28.11
N ASP C 61 16.59 12.98 -28.23
CA ASP C 61 16.53 12.34 -29.54
C ASP C 61 15.31 12.79 -30.33
N LEU C 62 14.18 12.99 -29.65
CA LEU C 62 12.96 13.41 -30.33
C LEU C 62 12.88 14.91 -30.55
N GLY C 63 13.83 15.68 -30.01
CA GLY C 63 13.79 17.12 -30.16
C GLY C 63 12.86 17.85 -29.23
N VAL C 64 12.29 17.16 -28.23
CA VAL C 64 11.59 17.86 -27.17
C VAL C 64 12.55 18.79 -26.44
N VAL C 65 13.78 18.33 -26.23
CA VAL C 65 14.87 19.15 -25.72
C VAL C 65 15.90 19.27 -26.83
N LYS C 66 16.22 20.50 -27.21
CA LYS C 66 17.09 20.71 -28.35
C LYS C 66 18.56 20.62 -27.96
N ASP C 67 18.94 21.16 -26.81
CA ASP C 67 20.29 20.99 -26.28
C ASP C 67 20.27 21.30 -24.78
N GLU C 68 21.44 21.24 -24.17
CA GLU C 68 21.58 21.39 -22.72
C GLU C 68 21.47 22.84 -22.26
N HIS C 69 21.27 23.78 -23.16
CA HIS C 69 21.13 25.19 -22.81
C HIS C 69 19.71 25.70 -22.87
N GLN C 70 18.80 24.96 -23.48
CA GLN C 70 17.42 25.40 -23.61
C GLN C 70 16.78 25.61 -22.24
N VAL C 71 16.06 26.70 -22.10
CA VAL C 71 15.51 27.12 -20.82
C VAL C 71 14.07 26.66 -20.71
N PHE C 72 13.75 26.02 -19.60
CA PHE C 72 12.40 25.58 -19.27
C PHE C 72 11.93 26.47 -18.13
N LYS C 73 10.99 27.36 -18.42
CA LYS C 73 10.62 28.38 -17.46
C LYS C 73 9.82 27.78 -16.31
N TRP C 74 10.01 28.35 -15.12
CA TRP C 74 9.27 27.92 -13.95
C TRP C 74 7.77 28.12 -14.14
N ASP C 75 7.00 27.15 -13.65
CA ASP C 75 5.55 27.23 -13.70
C ASP C 75 5.03 28.50 -13.05
N GLY C 76 5.69 28.95 -12.00
CA GLY C 76 5.11 29.89 -11.06
C GLY C 76 4.47 29.22 -9.86
N GLN C 77 4.25 27.92 -9.93
CA GLN C 77 3.72 27.16 -8.80
C GLN C 77 4.84 26.85 -7.82
N THR C 78 4.71 27.38 -6.60
CA THR C 78 5.73 27.19 -5.57
C THR C 78 5.60 25.78 -4.99
N ARG C 79 6.66 25.00 -5.09
CA ARG C 79 6.72 23.64 -4.59
C ARG C 79 7.71 23.54 -3.42
N ASP C 80 7.67 22.40 -2.74
CA ASP C 80 8.34 22.28 -1.45
C ASP C 80 9.85 22.38 -1.57
N ILE C 81 10.42 21.90 -2.66
CA ILE C 81 11.87 21.95 -2.86
C ILE C 81 12.19 23.26 -3.55
N ALA C 82 12.89 24.14 -2.84
CA ALA C 82 13.02 25.53 -3.27
C ALA C 82 13.76 25.66 -4.58
N THR C 83 14.76 24.80 -4.84
CA THR C 83 15.52 24.89 -6.08
C THR C 83 14.65 24.59 -7.31
N TRP C 84 13.48 23.98 -7.12
CA TRP C 84 12.58 23.74 -8.23
C TRP C 84 11.90 25.01 -8.73
N ASN C 85 11.83 26.04 -7.90
CA ASN C 85 10.98 27.20 -8.17
C ASN C 85 11.73 28.28 -8.93
N ARG C 86 12.33 27.89 -10.06
CA ARG C 86 13.13 28.79 -10.88
C ARG C 86 13.26 28.17 -12.26
N ASP C 87 13.83 28.94 -13.18
CA ASP C 87 14.12 28.42 -14.51
C ASP C 87 15.26 27.41 -14.45
N HIS C 88 15.21 26.45 -15.37
CA HIS C 88 16.24 25.43 -15.43
C HIS C 88 16.60 25.15 -16.88
N ASN C 89 17.74 24.52 -17.07
CA ASN C 89 18.10 23.85 -18.30
C ASN C 89 18.32 22.38 -17.96
N LEU C 90 18.79 21.61 -18.95
CA LEU C 90 18.97 20.18 -18.74
C LEU C 90 19.97 19.90 -17.63
N ILE C 91 21.08 20.67 -17.60
CA ILE C 91 22.10 20.45 -16.58
C ILE C 91 21.53 20.62 -15.18
N THR C 92 20.87 21.75 -14.92
CA THR C 92 20.40 22.02 -13.57
C THR C 92 19.14 21.24 -13.23
N ALA C 93 18.32 20.89 -14.22
CA ALA C 93 17.16 20.05 -13.94
C ALA C 93 17.61 18.68 -13.44
N MET C 94 18.68 18.15 -14.04
CA MET C 94 19.27 16.90 -13.56
C MET C 94 19.86 17.07 -12.17
N LYS C 95 20.67 18.12 -11.99
CA LYS C 95 21.40 18.29 -10.74
C LYS C 95 20.45 18.44 -9.55
N TYR C 96 19.33 19.14 -9.74
CA TYR C 96 18.38 19.35 -8.66
C TYR C 96 17.16 18.44 -8.78
N SER C 97 17.21 17.43 -9.64
CA SER C 97 16.13 16.48 -9.81
C SER C 97 14.77 17.17 -9.93
N VAL C 98 14.69 18.12 -10.84
CA VAL C 98 13.51 18.96 -10.98
C VAL C 98 12.42 18.17 -11.69
N VAL C 99 11.62 17.44 -10.91
CA VAL C 99 10.56 16.59 -11.43
C VAL C 99 9.59 17.34 -12.35
N PRO C 100 9.12 18.55 -12.02
CA PRO C 100 8.11 19.18 -12.89
C PRO C 100 8.60 19.38 -14.32
N VAL C 101 9.89 19.68 -14.49
CA VAL C 101 10.46 19.83 -15.82
C VAL C 101 10.38 18.51 -16.59
N TYR C 102 10.75 17.41 -15.93
CA TYR C 102 10.75 16.12 -16.59
C TYR C 102 9.34 15.59 -16.81
N GLN C 103 8.38 16.02 -15.97
CA GLN C 103 6.99 15.67 -16.24
C GLN C 103 6.50 16.32 -17.53
N GLU C 104 7.03 17.51 -17.86
CA GLU C 104 6.66 18.17 -19.10
C GLU C 104 7.27 17.45 -20.30
N PHE C 105 8.52 16.98 -20.17
CA PHE C 105 9.12 16.15 -21.21
C PHE C 105 8.24 14.95 -21.52
N ALA C 106 7.77 14.25 -20.48
CA ALA C 106 7.05 13.00 -20.67
C ALA C 106 5.71 13.24 -21.36
N ARG C 107 5.04 14.36 -21.04
CA ARG C 107 3.80 14.67 -21.74
C ARG C 107 4.07 14.97 -23.22
N GLN C 108 5.19 15.64 -23.51
CA GLN C 108 5.52 15.90 -24.91
C GLN C 108 5.89 14.62 -25.64
N ILE C 109 6.72 13.78 -25.02
CA ILE C 109 7.08 12.51 -25.61
C ILE C 109 5.83 11.67 -25.87
N GLY C 110 5.02 11.47 -24.85
CA GLY C 110 3.77 10.75 -25.05
C GLY C 110 3.90 9.28 -24.79
N GLU C 111 2.76 8.67 -24.43
CA GLU C 111 2.71 7.26 -24.07
C GLU C 111 3.35 6.37 -25.14
N ALA C 112 2.93 6.55 -26.39
CA ALA C 112 3.36 5.64 -27.46
C ALA C 112 4.87 5.70 -27.65
N ARG C 113 5.45 6.90 -27.73
CA ARG C 113 6.89 7.00 -27.99
C ARG C 113 7.70 6.64 -26.75
N MET C 114 7.21 6.98 -25.55
CA MET C 114 7.90 6.58 -24.34
C MET C 114 8.01 5.06 -24.25
N SER C 115 6.88 4.36 -24.46
CA SER C 115 6.89 2.91 -24.43
C SER C 115 7.80 2.33 -25.50
N LYS C 116 7.69 2.82 -26.73
CA LYS C 116 8.52 2.32 -27.82
C LYS C 116 10.00 2.50 -27.52
N MET C 117 10.37 3.65 -26.95
CA MET C 117 11.77 3.92 -26.68
C MET C 117 12.29 3.08 -25.53
N LEU C 118 11.48 2.87 -24.49
CA LEU C 118 11.92 2.05 -23.37
C LEU C 118 12.10 0.60 -23.78
N HIS C 119 11.25 0.10 -24.68
CA HIS C 119 11.44 -1.25 -25.20
C HIS C 119 12.78 -1.38 -25.91
N ALA C 120 13.12 -0.41 -26.75
CA ALA C 120 14.39 -0.46 -27.46
C ALA C 120 15.58 -0.31 -26.52
N PHE C 121 15.37 0.38 -25.39
CA PHE C 121 16.42 0.49 -24.38
C PHE C 121 16.57 -0.79 -23.58
N ASP C 122 15.57 -1.68 -23.64
CA ASP C 122 15.44 -2.80 -22.72
C ASP C 122 15.67 -2.36 -21.27
N TYR C 123 15.00 -1.26 -20.92
CA TYR C 123 15.11 -0.65 -19.60
C TYR C 123 14.13 -1.29 -18.64
N GLY C 124 14.65 -1.94 -17.60
CA GLY C 124 13.79 -2.51 -16.58
C GLY C 124 12.74 -3.42 -17.18
N ASN C 125 11.53 -3.37 -16.62
CA ASN C 125 10.44 -4.17 -17.15
C ASN C 125 9.72 -3.51 -18.32
N GLU C 126 10.21 -2.34 -18.78
CA GLU C 126 9.75 -1.67 -19.99
C GLU C 126 8.27 -1.28 -19.92
N ASP C 127 7.71 -1.22 -18.71
CA ASP C 127 6.28 -1.06 -18.49
C ASP C 127 6.02 0.36 -18.02
N ILE C 128 5.30 1.14 -18.83
CA ILE C 128 4.98 2.52 -18.48
C ILE C 128 3.53 2.66 -17.98
N SER C 129 2.93 1.58 -17.49
CA SER C 129 1.55 1.65 -17.04
C SER C 129 1.40 2.65 -15.92
N GLY C 130 0.29 3.37 -15.91
CA GLY C 130 0.07 4.48 -15.02
C GLY C 130 0.00 5.79 -15.77
N ASN C 131 0.21 6.88 -15.03
CA ASN C 131 0.14 8.20 -15.62
C ASN C 131 1.38 8.45 -16.47
N VAL C 132 1.17 9.03 -17.65
CA VAL C 132 2.27 9.27 -18.59
C VAL C 132 3.33 10.18 -17.98
N ASP C 133 2.94 11.07 -17.07
CA ASP C 133 3.88 12.04 -16.51
C ASP C 133 4.34 11.69 -15.10
N SER C 134 4.03 10.49 -14.59
CA SER C 134 4.44 10.13 -13.24
C SER C 134 4.73 8.64 -13.07
N PHE C 135 4.67 7.83 -14.14
CA PHE C 135 4.76 6.38 -14.01
C PHE C 135 6.07 5.94 -13.35
N TRP C 136 7.14 6.71 -13.50
CA TRP C 136 8.40 6.31 -12.86
C TRP C 136 8.44 6.63 -11.37
N LEU C 137 7.43 7.31 -10.85
CA LEU C 137 7.31 7.60 -9.43
C LEU C 137 6.22 6.81 -8.74
N ASP C 138 5.16 6.44 -9.46
CA ASP C 138 4.07 5.67 -8.86
C ASP C 138 3.34 4.80 -9.88
N GLY C 139 3.94 4.50 -11.01
CA GLY C 139 3.36 3.64 -12.02
C GLY C 139 3.91 2.24 -11.98
N GLY C 140 3.94 1.60 -13.14
CA GLY C 140 4.28 0.19 -13.22
C GLY C 140 5.72 -0.15 -13.54
N ILE C 141 6.56 0.84 -13.84
CA ILE C 141 7.93 0.55 -14.23
C ILE C 141 8.74 0.14 -13.00
N ARG C 142 9.62 -0.84 -13.18
CA ARG C 142 10.50 -1.31 -12.14
C ARG C 142 11.87 -1.60 -12.74
N ILE C 143 12.91 -1.41 -11.94
CA ILE C 143 14.28 -1.71 -12.37
C ILE C 143 15.10 -2.11 -11.16
N SER C 144 16.02 -3.04 -11.36
CA SER C 144 16.93 -3.51 -10.34
C SER C 144 18.28 -2.81 -10.48
N ALA C 145 19.08 -2.88 -9.42
CA ALA C 145 20.41 -2.30 -9.46
C ALA C 145 21.24 -2.87 -10.61
N THR C 146 21.21 -4.19 -10.80
CA THR C 146 21.99 -4.78 -11.88
C THR C 146 21.42 -4.42 -13.26
N GLU C 147 20.09 -4.32 -13.37
CA GLU C 147 19.51 -3.81 -14.61
C GLU C 147 19.90 -2.36 -14.86
N GLN C 148 20.11 -1.58 -13.79
CA GLN C 148 20.60 -0.21 -13.95
C GLN C 148 22.02 -0.21 -14.51
N ILE C 149 22.89 -1.08 -13.96
CA ILE C 149 24.25 -1.22 -14.47
C ILE C 149 24.22 -1.57 -15.96
N SER C 150 23.46 -2.61 -16.31
CA SER C 150 23.35 -3.03 -17.69
C SER C 150 22.95 -1.86 -18.59
N PHE C 151 22.06 -1.00 -18.12
CA PHE C 151 21.66 0.18 -18.89
C PHE C 151 22.79 1.21 -18.94
N LEU C 152 23.44 1.47 -17.80
CA LEU C 152 24.48 2.50 -17.78
C LEU C 152 25.67 2.11 -18.64
N ARG C 153 26.00 0.82 -18.71
CA ARG C 153 27.09 0.37 -19.58
C ARG C 153 26.78 0.66 -21.04
N LYS C 154 25.55 0.38 -21.48
CA LYS C 154 25.13 0.74 -22.83
C LYS C 154 25.33 2.22 -23.08
N LEU C 155 24.92 3.06 -22.13
CA LEU C 155 25.05 4.51 -22.27
C LEU C 155 26.51 4.93 -22.37
N TYR C 156 27.34 4.41 -21.45
CA TYR C 156 28.75 4.79 -21.44
C TYR C 156 29.42 4.55 -22.77
N HIS C 157 29.09 3.44 -23.43
CA HIS C 157 29.70 3.09 -24.71
C HIS C 157 28.91 3.58 -25.92
N ASN C 158 27.92 4.45 -25.74
CA ASN C 158 27.17 5.02 -26.86
C ASN C 158 26.47 3.97 -27.70
N LYS C 159 25.87 2.99 -27.01
CA LYS C 159 25.26 1.82 -27.65
C LYS C 159 23.74 1.83 -27.68
N LEU C 160 23.11 2.81 -27.06
CA LEU C 160 21.66 2.84 -26.99
C LEU C 160 21.05 3.25 -28.33
N HIS C 161 19.77 2.91 -28.48
CA HIS C 161 19.04 3.21 -29.71
C HIS C 161 18.67 4.68 -29.80
N VAL C 162 19.66 5.55 -29.58
CA VAL C 162 19.52 6.99 -29.68
C VAL C 162 20.83 7.50 -30.25
N SER C 163 20.78 8.69 -30.86
CA SER C 163 21.98 9.25 -31.46
C SER C 163 23.09 9.38 -30.43
N GLU C 164 24.34 9.30 -30.92
CA GLU C 164 25.49 9.47 -30.03
C GLU C 164 25.48 10.84 -29.36
N ARG C 165 24.97 11.86 -30.07
CA ARG C 165 24.88 13.19 -29.49
C ARG C 165 23.98 13.21 -28.26
N SER C 166 22.79 12.59 -28.38
CA SER C 166 21.92 12.43 -27.22
C SER C 166 22.67 11.82 -26.04
N GLN C 167 23.38 10.73 -26.29
CA GLN C 167 24.05 10.02 -25.20
C GLN C 167 25.19 10.86 -24.61
N ARG C 168 25.91 11.60 -25.46
CA ARG C 168 26.99 12.47 -24.97
C ARG C 168 26.46 13.60 -24.12
N ILE C 169 25.29 14.15 -24.47
CA ILE C 169 24.74 15.28 -23.72
C ILE C 169 24.26 14.81 -22.34
N VAL C 170 23.65 13.63 -22.28
CA VAL C 170 23.16 13.14 -20.98
C VAL C 170 24.34 12.79 -20.07
N LYS C 171 25.41 12.24 -20.64
CA LYS C 171 26.57 11.90 -19.83
C LYS C 171 27.24 13.16 -19.29
N GLN C 172 27.23 14.25 -20.07
CA GLN C 172 27.70 15.53 -19.53
C GLN C 172 26.80 15.99 -18.39
N ALA C 173 25.48 15.85 -18.55
CA ALA C 173 24.56 16.32 -17.52
C ALA C 173 24.60 15.45 -16.26
N MET C 174 25.12 14.22 -16.36
CA MET C 174 25.23 13.38 -15.17
C MET C 174 26.44 13.71 -14.31
N LEU C 175 27.34 14.58 -14.80
CA LEU C 175 28.53 14.96 -14.06
C LEU C 175 28.16 15.41 -12.66
N THR C 176 28.75 14.76 -11.67
CA THR C 176 28.47 15.05 -10.26
C THR C 176 29.68 15.55 -9.50
N GLU C 177 30.84 14.95 -9.74
CA GLU C 177 32.04 15.25 -8.97
C GLU C 177 33.25 14.92 -9.82
N ALA C 178 34.30 15.73 -9.68
CA ALA C 178 35.53 15.52 -10.44
C ALA C 178 36.68 16.19 -9.73
N ASN C 179 37.80 15.48 -9.61
CA ASN C 179 39.05 16.04 -9.13
C ASN C 179 40.19 15.35 -9.85
N GLY C 180 41.41 15.51 -9.34
CA GLY C 180 42.55 14.84 -9.95
C GLY C 180 42.54 13.34 -9.80
N ASP C 181 41.64 12.78 -9.00
CA ASP C 181 41.63 11.35 -8.70
C ASP C 181 40.56 10.58 -9.46
N TYR C 182 39.38 11.17 -9.66
CA TYR C 182 38.30 10.43 -10.30
C TYR C 182 37.25 11.41 -10.84
N ILE C 183 36.41 10.89 -11.72
CA ILE C 183 35.19 11.57 -12.17
C ILE C 183 34.01 10.68 -11.81
N ILE C 184 32.98 11.29 -11.23
CA ILE C 184 31.73 10.58 -10.93
C ILE C 184 30.62 11.18 -11.77
N ARG C 185 30.01 10.35 -12.61
CA ARG C 185 28.78 10.68 -13.32
C ARG C 185 27.68 9.81 -12.75
N ALA C 186 26.59 10.43 -12.29
CA ALA C 186 25.59 9.68 -11.54
C ALA C 186 24.26 10.42 -11.54
N LYS C 187 23.23 9.74 -11.04
CA LYS C 187 21.92 10.30 -10.82
C LYS C 187 21.34 9.77 -9.52
N THR C 188 20.90 10.67 -8.63
CA THR C 188 20.19 10.28 -7.42
C THR C 188 18.71 10.01 -7.72
N GLY C 189 18.06 9.34 -6.78
CA GLY C 189 16.63 9.11 -6.86
C GLY C 189 16.07 8.77 -5.50
N TYR C 190 14.80 9.13 -5.29
CA TYR C 190 14.13 8.90 -4.01
C TYR C 190 12.71 8.43 -4.29
N SER C 191 12.47 7.13 -4.13
CA SER C 191 11.13 6.56 -4.33
C SER C 191 10.35 6.65 -3.03
N THR C 192 9.26 7.42 -3.04
CA THR C 192 8.47 7.67 -1.84
C THR C 192 7.00 7.30 -1.96
N ARG C 193 6.49 7.08 -3.17
CA ARG C 193 5.05 6.95 -3.33
C ARG C 193 4.57 5.52 -3.05
N ILE C 194 5.43 4.53 -3.26
CA ILE C 194 5.09 3.12 -3.06
C ILE C 194 6.11 2.52 -2.11
N GLU C 195 5.63 1.82 -1.09
CA GLU C 195 6.48 1.32 -0.02
C GLU C 195 7.24 0.08 -0.47
N PRO C 196 8.40 -0.21 0.17
CA PRO C 196 9.05 0.70 1.11
C PRO C 196 9.79 1.83 0.42
N LYS C 197 9.96 2.97 1.09
CA LYS C 197 10.65 4.09 0.49
C LYS C 197 12.13 3.77 0.36
N ILE C 198 12.68 3.96 -0.84
CA ILE C 198 14.08 3.64 -1.10
C ILE C 198 14.75 4.82 -1.77
N GLY C 199 16.03 4.99 -1.46
CA GLY C 199 16.89 5.98 -2.10
C GLY C 199 17.85 5.29 -3.05
N TRP C 200 18.07 5.91 -4.21
CA TRP C 200 18.94 5.39 -5.25
C TRP C 200 20.17 6.26 -5.44
N TRP C 201 21.27 5.63 -5.84
CA TRP C 201 22.38 6.35 -6.47
C TRP C 201 22.98 5.40 -7.50
N VAL C 202 22.93 5.79 -8.78
CA VAL C 202 23.43 4.96 -9.86
C VAL C 202 24.33 5.82 -10.75
N GLY C 203 25.34 5.18 -11.33
CA GLY C 203 26.25 5.86 -12.23
C GLY C 203 27.56 5.13 -12.40
N TRP C 204 28.66 5.86 -12.51
CA TRP C 204 29.97 5.22 -12.56
C TRP C 204 31.05 6.18 -12.12
N VAL C 205 32.23 5.62 -11.85
CA VAL C 205 33.42 6.37 -11.47
C VAL C 205 34.45 6.18 -12.57
N GLU C 206 34.86 7.29 -13.19
CA GLU C 206 35.90 7.24 -14.21
C GLU C 206 37.26 7.44 -13.54
N LEU C 207 38.13 6.48 -13.71
CA LEU C 207 39.54 6.53 -13.34
C LEU C 207 40.39 6.59 -14.61
N ASP C 208 41.71 6.70 -14.42
CA ASP C 208 42.61 6.93 -15.56
C ASP C 208 42.48 5.84 -16.62
N ASP C 209 42.46 4.57 -16.22
CA ASP C 209 42.48 3.49 -17.19
C ASP C 209 41.42 2.43 -16.90
N ASN C 210 40.30 2.82 -16.30
CA ASN C 210 39.19 1.91 -16.03
C ASN C 210 37.98 2.75 -15.67
N VAL C 211 36.82 2.10 -15.64
CA VAL C 211 35.61 2.72 -15.12
C VAL C 211 34.87 1.69 -14.27
N TRP C 212 34.37 2.13 -13.13
CA TRP C 212 33.62 1.29 -12.19
C TRP C 212 32.17 1.76 -12.18
N PHE C 213 31.28 0.94 -12.74
CA PHE C 213 29.86 1.25 -12.65
C PHE C 213 29.33 0.88 -11.27
N PHE C 214 28.29 1.59 -10.85
CA PHE C 214 27.71 1.33 -9.55
C PHE C 214 26.21 1.60 -9.60
N ALA C 215 25.46 0.79 -8.87
CA ALA C 215 24.05 1.04 -8.64
C ALA C 215 23.75 0.61 -7.22
N MET C 216 23.23 1.53 -6.42
CA MET C 216 22.88 1.26 -5.04
C MET C 216 21.45 1.72 -4.79
N ASN C 217 20.76 1.01 -3.91
CA ASN C 217 19.54 1.52 -3.31
C ASN C 217 19.48 1.09 -1.85
N MET C 218 18.78 1.88 -1.05
CA MET C 218 18.70 1.64 0.38
C MET C 218 17.34 2.08 0.88
N ASP C 219 16.85 1.39 1.92
CA ASP C 219 15.64 1.84 2.60
C ASP C 219 15.84 3.23 3.17
N MET C 220 14.86 4.11 2.97
CA MET C 220 15.01 5.53 3.25
C MET C 220 13.69 6.07 3.79
N PRO C 221 13.49 5.98 5.12
CA PRO C 221 12.18 6.37 5.67
C PRO C 221 11.90 7.86 5.63
N THR C 222 12.93 8.71 5.66
CA THR C 222 12.75 10.16 5.61
C THR C 222 13.79 10.78 4.70
N SER C 223 13.66 12.09 4.48
CA SER C 223 14.55 12.84 3.60
C SER C 223 15.90 13.15 4.25
N ASP C 224 15.98 13.14 5.57
CA ASP C 224 17.19 13.61 6.23
C ASP C 224 18.35 12.64 6.08
N GLY C 225 18.08 11.36 5.82
CA GLY C 225 19.14 10.41 5.57
C GLY C 225 19.63 10.31 4.13
N LEU C 226 19.19 11.21 3.25
CA LEU C 226 19.48 11.05 1.82
C LEU C 226 20.97 11.14 1.52
N GLY C 227 21.72 11.92 2.31
CA GLY C 227 23.16 11.99 2.14
C GLY C 227 23.87 10.65 2.31
N LEU C 228 23.19 9.68 2.92
CA LEU C 228 23.79 8.37 3.15
C LEU C 228 23.93 7.55 1.88
N ARG C 229 23.18 7.89 0.84
CA ARG C 229 23.35 7.22 -0.46
C ARG C 229 24.78 7.38 -0.95
N GLN C 230 25.25 8.63 -1.05
CA GLN C 230 26.62 8.87 -1.50
C GLN C 230 27.63 8.42 -0.46
N ALA C 231 27.36 8.71 0.82
CA ALA C 231 28.30 8.38 1.89
C ALA C 231 28.59 6.88 1.93
N ILE C 232 27.55 6.05 1.95
CA ILE C 232 27.76 4.60 2.03
C ILE C 232 28.44 4.10 0.75
N THR C 233 28.02 4.61 -0.40
CA THR C 233 28.67 4.23 -1.66
C THR C 233 30.15 4.57 -1.64
N LYS C 234 30.49 5.79 -1.20
CA LYS C 234 31.89 6.19 -1.17
C LYS C 234 32.69 5.35 -0.17
N GLU C 235 32.09 5.04 0.99
CA GLU C 235 32.76 4.18 1.96
C GLU C 235 33.11 2.83 1.36
N VAL C 236 32.27 2.32 0.46
CA VAL C 236 32.57 1.06 -0.21
C VAL C 236 33.65 1.25 -1.26
N LEU C 237 33.62 2.38 -1.99
CA LEU C 237 34.66 2.64 -2.98
C LEU C 237 36.03 2.87 -2.34
N LYS C 238 36.10 3.44 -1.13
CA LYS C 238 37.38 3.58 -0.45
C LYS C 238 37.84 2.25 0.15
N GLN C 239 36.91 1.38 0.58
CA GLN C 239 37.34 0.06 1.03
C GLN C 239 37.88 -0.77 -0.13
N GLU C 240 37.31 -0.64 -1.32
CA GLU C 240 37.69 -1.46 -2.46
C GLU C 240 38.82 -0.85 -3.28
N LYS C 241 39.48 0.16 -2.74
CA LYS C 241 40.64 0.81 -3.34
C LYS C 241 40.32 1.50 -4.65
N ILE C 242 39.07 1.89 -4.83
CA ILE C 242 38.63 2.50 -6.08
C ILE C 242 38.86 4.00 -6.09
N ILE C 243 38.57 4.68 -4.98
CA ILE C 243 38.94 6.08 -4.83
C ILE C 243 39.77 6.22 -3.56
N PRO C 244 40.64 7.24 -3.46
CA PRO C 244 41.46 7.42 -2.25
C PRO C 244 40.65 7.85 -1.04
N MET D 3 -21.47 21.81 20.59
CA MET D 3 -21.01 20.50 21.03
C MET D 3 -19.56 20.24 20.60
N TRP D 4 -19.15 20.82 19.48
CA TRP D 4 -17.79 20.71 18.98
C TRP D 4 -17.32 22.07 18.48
N GLN D 5 -16.06 22.41 18.74
CA GLN D 5 -15.49 23.69 18.33
C GLN D 5 -14.09 23.49 17.78
N GLU D 6 -13.80 24.18 16.67
CA GLU D 6 -12.47 24.15 16.06
C GLU D 6 -11.57 25.21 16.68
N ASN D 7 -10.28 24.88 16.77
CA ASN D 7 -9.27 25.79 17.30
C ASN D 7 -7.98 25.51 16.56
N LYS D 8 -7.70 26.31 15.53
CA LYS D 8 -6.49 26.12 14.73
C LYS D 8 -5.25 26.74 15.37
N SER D 9 -5.39 27.40 16.53
CA SER D 9 -4.21 27.82 17.28
C SER D 9 -3.31 26.65 17.62
N TRP D 10 -3.88 25.44 17.77
CA TRP D 10 -3.10 24.29 18.21
C TRP D 10 -2.14 23.79 17.15
N ASN D 11 -2.47 24.02 15.88
CA ASN D 11 -1.61 23.54 14.79
C ASN D 11 -0.21 24.10 14.91
N ALA D 12 -0.06 25.27 15.54
CA ALA D 12 1.27 25.84 15.79
C ALA D 12 2.17 24.85 16.52
N HIS D 13 1.61 24.10 17.47
CA HIS D 13 2.39 23.10 18.18
C HIS D 13 2.85 21.98 17.25
N PHE D 14 2.00 21.60 16.28
CA PHE D 14 2.40 20.61 15.29
C PHE D 14 3.49 21.15 14.38
N THR D 15 3.26 22.31 13.76
CA THR D 15 4.25 22.87 12.84
C THR D 15 5.56 23.20 13.55
N GLU D 16 5.50 23.58 14.82
CA GLU D 16 6.70 23.86 15.60
C GLU D 16 7.67 22.69 15.57
N HIS D 17 7.17 21.45 15.50
CA HIS D 17 7.98 20.24 15.46
C HIS D 17 7.99 19.57 14.09
N LYS D 18 7.71 20.30 13.02
CA LYS D 18 7.65 19.76 11.65
C LYS D 18 6.73 18.53 11.58
N SER D 19 5.53 18.65 12.15
CA SER D 19 4.64 17.53 12.29
C SER D 19 3.24 17.89 11.84
N GLN D 20 2.39 16.86 11.78
CA GLN D 20 0.99 17.04 11.41
C GLN D 20 0.16 15.97 12.10
N GLY D 21 -1.02 16.37 12.57
CA GLY D 21 -1.94 15.43 13.20
C GLY D 21 -3.14 16.16 13.76
N VAL D 22 -3.79 15.52 14.73
CA VAL D 22 -5.03 16.02 15.32
C VAL D 22 -5.01 15.76 16.82
N VAL D 23 -5.54 16.71 17.58
CA VAL D 23 -5.76 16.55 19.01
C VAL D 23 -7.22 16.86 19.30
N VAL D 24 -7.89 15.94 20.00
CA VAL D 24 -9.30 16.08 20.36
C VAL D 24 -9.40 16.09 21.88
N LEU D 25 -10.01 17.13 22.44
CA LEU D 25 -10.26 17.23 23.86
C LEU D 25 -11.76 17.23 24.12
N TRP D 26 -12.16 16.55 25.20
CA TRP D 26 -13.56 16.52 25.61
C TRP D 26 -13.66 16.92 27.08
N ASN D 27 -14.32 18.04 27.34
CA ASN D 27 -14.57 18.50 28.70
C ASN D 27 -15.80 17.78 29.24
N GLU D 28 -15.61 16.94 30.26
CA GLU D 28 -16.71 16.11 30.74
C GLU D 28 -17.78 16.94 31.45
N ASN D 29 -17.35 17.89 32.28
CA ASN D 29 -18.33 18.72 32.99
C ASN D 29 -19.22 19.47 32.01
N LYS D 30 -18.62 20.08 30.99
CA LYS D 30 -19.34 20.93 30.05
C LYS D 30 -19.97 20.16 28.89
N GLN D 31 -19.67 18.87 28.73
CA GLN D 31 -20.12 18.09 27.58
C GLN D 31 -19.78 18.83 26.29
N GLN D 32 -18.54 19.29 26.22
CA GLN D 32 -18.08 20.13 25.12
C GLN D 32 -16.76 19.59 24.58
N GLY D 33 -16.59 19.67 23.26
CA GLY D 33 -15.38 19.19 22.62
C GLY D 33 -14.61 20.19 21.80
N PHE D 34 -13.32 19.94 21.61
CA PHE D 34 -12.44 20.84 20.88
C PHE D 34 -11.43 20.04 20.08
N THR D 35 -10.99 20.60 18.96
CA THR D 35 -10.04 19.93 18.08
C THR D 35 -9.48 20.94 17.10
N ASN D 36 -8.25 20.69 16.64
CA ASN D 36 -7.62 21.53 15.64
C ASN D 36 -7.96 21.15 14.22
N ASN D 37 -8.62 19.99 14.01
CA ASN D 37 -8.96 19.55 12.66
C ASN D 37 -10.16 18.60 12.80
N LEU D 38 -11.34 19.13 12.51
CA LEU D 38 -12.57 18.36 12.70
C LEU D 38 -12.63 17.17 11.76
N LYS D 39 -12.29 17.38 10.48
CA LYS D 39 -12.28 16.28 9.52
C LYS D 39 -11.37 15.15 9.97
N ARG D 40 -10.11 15.47 10.32
CA ARG D 40 -9.19 14.42 10.75
C ARG D 40 -9.66 13.77 12.04
N ALA D 41 -10.24 14.57 12.95
CA ALA D 41 -10.77 14.03 14.19
C ALA D 41 -11.74 12.87 13.95
N ASN D 42 -12.42 12.87 12.81
CA ASN D 42 -13.43 11.87 12.50
C ASN D 42 -12.97 10.88 11.44
N GLN D 43 -11.69 10.91 11.06
CA GLN D 43 -11.14 9.94 10.14
C GLN D 43 -10.59 8.72 10.89
N ALA D 44 -10.97 7.53 10.43
CA ALA D 44 -10.66 6.30 11.12
C ALA D 44 -9.28 5.77 10.72
N PHE D 45 -8.53 5.30 11.70
CA PHE D 45 -7.21 4.71 11.50
C PHE D 45 -7.13 3.39 12.24
N LEU D 46 -6.11 2.60 11.89
CA LEU D 46 -5.77 1.43 12.69
C LEU D 46 -5.51 1.86 14.13
N PRO D 47 -6.11 1.21 15.11
CA PRO D 47 -5.85 1.58 16.52
C PRO D 47 -4.44 1.26 17.00
N ALA D 48 -3.76 0.30 16.39
CA ALA D 48 -2.45 -0.20 16.85
C ALA D 48 -2.57 -0.55 18.34
N SER D 49 -1.65 -0.10 19.19
CA SER D 49 -1.65 -0.54 20.58
C SER D 49 -2.66 0.18 21.46
N THR D 50 -3.38 1.18 20.95
CA THR D 50 -4.53 1.65 21.72
C THR D 50 -5.59 0.56 21.83
N PHE D 51 -5.53 -0.44 20.96
CA PHE D 51 -6.44 -1.58 21.05
C PHE D 51 -6.19 -2.42 22.30
N KCX D 52 -5.08 -2.18 22.99
CA KCX D 52 -4.81 -2.92 24.22
CB KCX D 52 -3.38 -2.69 24.70
CG KCX D 52 -2.35 -3.48 23.88
CD KCX D 52 -0.92 -3.26 24.35
CE KCX D 52 0.07 -4.05 23.49
NZ KCX D 52 0.00 -3.63 22.06
C KCX D 52 -5.81 -2.56 25.30
O KCX D 52 -6.00 -3.33 26.25
CX KCX D 52 -0.67 -4.31 21.14
OQ1 KCX D 52 -0.69 -3.91 19.97
OQ2 KCX D 52 -1.27 -5.36 21.44
N ILE D 53 -6.48 -1.41 25.17
CA ILE D 53 -7.52 -1.06 26.13
C ILE D 53 -8.70 -2.06 25.97
N PRO D 54 -9.36 -2.11 24.80
CA PRO D 54 -10.46 -3.08 24.67
C PRO D 54 -9.99 -4.52 24.80
N ASN D 55 -8.84 -4.86 24.20
CA ASN D 55 -8.31 -6.21 24.31
C ASN D 55 -8.16 -6.65 25.76
N SER D 56 -7.65 -5.75 26.62
CA SER D 56 -7.51 -6.11 28.03
C SER D 56 -8.87 -6.32 28.67
N LEU D 57 -9.83 -5.43 28.39
CA LEU D 57 -11.17 -5.57 28.96
C LEU D 57 -11.75 -6.94 28.62
N ILE D 58 -11.64 -7.33 27.35
CA ILE D 58 -12.22 -8.60 26.91
C ILE D 58 -11.50 -9.78 27.55
N ALA D 59 -10.15 -9.73 27.58
CA ALA D 59 -9.39 -10.82 28.17
C ALA D 59 -9.74 -11.01 29.64
N LEU D 60 -9.88 -9.92 30.39
CA LEU D 60 -10.24 -10.02 31.80
C LEU D 60 -11.65 -10.58 31.97
N ASP D 61 -12.62 -10.04 31.23
CA ASP D 61 -14.00 -10.48 31.37
C ASP D 61 -14.16 -11.95 31.05
N LEU D 62 -13.46 -12.43 30.02
CA LEU D 62 -13.58 -13.83 29.62
C LEU D 62 -12.70 -14.76 30.45
N GLY D 63 -11.98 -14.24 31.43
CA GLY D 63 -11.13 -15.08 32.25
C GLY D 63 -9.83 -15.51 31.61
N VAL D 64 -9.51 -15.04 30.41
CA VAL D 64 -8.19 -15.31 29.84
C VAL D 64 -7.10 -14.72 30.73
N VAL D 65 -7.37 -13.55 31.30
CA VAL D 65 -6.50 -12.93 32.30
C VAL D 65 -7.26 -12.92 33.61
N LYS D 66 -6.68 -13.55 34.64
CA LYS D 66 -7.37 -13.66 35.93
C LYS D 66 -7.37 -12.33 36.67
N ASP D 67 -6.22 -11.68 36.76
CA ASP D 67 -6.12 -10.36 37.35
C ASP D 67 -4.84 -9.70 36.87
N GLU D 68 -4.52 -8.53 37.42
CA GLU D 68 -3.39 -7.74 36.97
C GLU D 68 -2.05 -8.26 37.48
N HIS D 69 -2.06 -9.35 38.26
CA HIS D 69 -0.83 -9.94 38.77
C HIS D 69 -0.41 -11.20 38.02
N GLN D 70 -1.31 -11.80 37.23
CA GLN D 70 -0.95 -13.04 36.55
C GLN D 70 0.25 -12.80 35.63
N VAL D 71 1.16 -13.76 35.63
CA VAL D 71 2.45 -13.63 34.94
C VAL D 71 2.38 -14.35 33.60
N PHE D 72 2.67 -13.61 32.54
CA PHE D 72 2.72 -14.16 31.19
C PHE D 72 4.20 -14.34 30.86
N LYS D 73 4.63 -15.59 30.73
CA LYS D 73 6.04 -15.91 30.57
C LYS D 73 6.53 -15.52 29.18
N TRP D 74 7.74 -14.96 29.12
CA TRP D 74 8.39 -14.69 27.84
C TRP D 74 8.61 -16.01 27.12
N ASP D 75 8.31 -16.03 25.82
CA ASP D 75 8.43 -17.27 25.06
C ASP D 75 9.86 -17.63 24.68
N GLY D 76 10.83 -16.74 24.93
CA GLY D 76 12.21 -16.98 24.54
C GLY D 76 12.59 -16.43 23.19
N GLN D 77 11.64 -15.97 22.38
CA GLN D 77 11.94 -15.33 21.12
C GLN D 77 12.42 -13.90 21.37
N THR D 78 13.67 -13.62 21.02
CA THR D 78 14.23 -12.27 21.16
C THR D 78 13.66 -11.36 20.07
N ARG D 79 13.01 -10.27 20.48
CA ARG D 79 12.45 -9.30 19.57
C ARG D 79 13.18 -7.97 19.70
N ASP D 80 12.85 -7.03 18.80
CA ASP D 80 13.66 -5.83 18.64
C ASP D 80 13.50 -4.88 19.82
N ILE D 81 12.34 -4.87 20.47
CA ILE D 81 12.10 -4.01 21.62
C ILE D 81 12.52 -4.79 22.87
N ALA D 82 13.57 -4.30 23.53
CA ALA D 82 14.22 -5.08 24.57
C ALA D 82 13.30 -5.37 25.74
N THR D 83 12.45 -4.41 26.11
CA THR D 83 11.56 -4.61 27.25
C THR D 83 10.54 -5.72 27.01
N TRP D 84 10.35 -6.14 25.76
CA TRP D 84 9.45 -7.24 25.47
C TRP D 84 10.02 -8.59 25.86
N ASN D 85 11.32 -8.69 26.02
CA ASN D 85 12.00 -9.98 26.20
C ASN D 85 12.13 -10.36 27.67
N ARG D 86 11.01 -10.30 28.39
CA ARG D 86 10.97 -10.66 29.80
C ARG D 86 9.54 -11.06 30.13
N ASP D 87 9.37 -11.60 31.32
CA ASP D 87 8.03 -11.88 31.81
C ASP D 87 7.27 -10.59 32.07
N HIS D 88 5.96 -10.65 31.90
CA HIS D 88 5.12 -9.47 32.08
C HIS D 88 3.84 -9.86 32.78
N ASN D 89 3.23 -8.87 33.43
CA ASN D 89 1.85 -8.95 33.85
C ASN D 89 1.05 -7.91 33.07
N LEU D 90 -0.21 -7.73 33.45
CA LEU D 90 -1.07 -6.81 32.70
C LEU D 90 -0.57 -5.37 32.82
N ILE D 91 -0.14 -4.97 34.01
CA ILE D 91 0.39 -3.62 34.20
C ILE D 91 1.55 -3.35 33.25
N THR D 92 2.55 -4.23 33.26
CA THR D 92 3.77 -3.96 32.50
C THR D 92 3.59 -4.25 31.01
N ALA D 93 2.70 -5.18 30.65
CA ALA D 93 2.42 -5.40 29.23
C ALA D 93 1.79 -4.16 28.61
N MET D 94 0.91 -3.48 29.36
CA MET D 94 0.35 -2.22 28.89
C MET D 94 1.42 -1.14 28.81
N LYS D 95 2.21 -1.00 29.87
CA LYS D 95 3.18 0.09 29.96
C LYS D 95 4.22 0.01 28.84
N TYR D 96 4.64 -1.19 28.48
CA TYR D 96 5.65 -1.37 27.45
C TYR D 96 5.07 -1.81 26.11
N SER D 97 3.74 -1.74 25.96
CA SER D 97 3.06 -2.11 24.73
C SER D 97 3.55 -3.46 24.20
N VAL D 98 3.49 -4.47 25.06
CA VAL D 98 4.07 -5.78 24.73
C VAL D 98 3.13 -6.54 23.80
N VAL D 99 3.30 -6.32 22.50
CA VAL D 99 2.39 -6.91 21.51
C VAL D 99 2.29 -8.42 21.63
N PRO D 100 3.39 -9.19 21.80
CA PRO D 100 3.23 -10.66 21.79
C PRO D 100 2.32 -11.17 22.89
N VAL D 101 2.31 -10.53 24.05
CA VAL D 101 1.42 -10.94 25.13
C VAL D 101 -0.03 -10.79 24.71
N TYR D 102 -0.37 -9.66 24.09
CA TYR D 102 -1.75 -9.43 23.66
C TYR D 102 -2.14 -10.26 22.45
N GLN D 103 -1.17 -10.67 21.62
CA GLN D 103 -1.49 -11.60 20.55
C GLN D 103 -1.92 -12.94 21.12
N GLU D 104 -1.34 -13.34 22.26
CA GLU D 104 -1.76 -14.56 22.93
C GLU D 104 -3.17 -14.42 23.49
N PHE D 105 -3.48 -13.25 24.07
CA PHE D 105 -4.85 -12.98 24.51
C PHE D 105 -5.83 -13.16 23.36
N ALA D 106 -5.50 -12.59 22.20
CA ALA D 106 -6.44 -12.59 21.08
C ALA D 106 -6.69 -14.01 20.57
N ARG D 107 -5.66 -14.85 20.54
CA ARG D 107 -5.84 -16.23 20.13
C ARG D 107 -6.74 -16.97 21.12
N GLN D 108 -6.55 -16.72 22.42
CA GLN D 108 -7.38 -17.36 23.42
C GLN D 108 -8.82 -16.87 23.34
N ILE D 109 -9.01 -15.55 23.20
CA ILE D 109 -10.35 -15.00 23.03
C ILE D 109 -11.02 -15.59 21.79
N GLY D 110 -10.34 -15.49 20.65
CA GLY D 110 -10.84 -16.09 19.43
C GLY D 110 -11.73 -15.14 18.62
N GLU D 111 -11.88 -15.50 17.33
CA GLU D 111 -12.56 -14.64 16.38
C GLU D 111 -14.00 -14.36 16.79
N ALA D 112 -14.75 -15.41 17.14
CA ALA D 112 -16.18 -15.26 17.41
C ALA D 112 -16.42 -14.35 18.60
N ARG D 113 -15.70 -14.58 19.70
CA ARG D 113 -15.92 -13.78 20.90
C ARG D 113 -15.36 -12.37 20.77
N MET D 114 -14.25 -12.21 20.05
CA MET D 114 -13.69 -10.88 19.84
C MET D 114 -14.67 -10.00 19.08
N SER D 115 -15.24 -10.53 17.98
CA SER D 115 -16.18 -9.76 17.19
C SER D 115 -17.40 -9.35 18.01
N LYS D 116 -17.96 -10.30 18.75
CA LYS D 116 -19.17 -10.04 19.55
C LYS D 116 -18.92 -8.97 20.61
N MET D 117 -17.75 -8.98 21.24
CA MET D 117 -17.46 -7.97 22.25
C MET D 117 -17.24 -6.60 21.64
N LEU D 118 -16.54 -6.54 20.50
CA LEU D 118 -16.34 -5.26 19.82
C LEU D 118 -17.67 -4.67 19.36
N HIS D 119 -18.57 -5.51 18.85
CA HIS D 119 -19.91 -5.04 18.52
C HIS D 119 -20.62 -4.48 19.76
N ALA D 120 -20.56 -5.21 20.87
CA ALA D 120 -21.19 -4.73 22.09
C ALA D 120 -20.53 -3.46 22.62
N PHE D 121 -19.24 -3.29 22.36
CA PHE D 121 -18.53 -2.07 22.74
C PHE D 121 -18.87 -0.91 21.83
N ASP D 122 -19.44 -1.18 20.66
CA ASP D 122 -19.54 -0.21 19.57
C ASP D 122 -18.19 0.46 19.29
N TYR D 123 -17.14 -0.36 19.24
CA TYR D 123 -15.76 0.11 19.10
C TYR D 123 -15.44 0.27 17.61
N GLY D 124 -15.21 1.51 17.19
CA GLY D 124 -14.83 1.77 15.80
C GLY D 124 -15.79 1.14 14.83
N ASN D 125 -15.25 0.61 13.74
CA ASN D 125 -16.08 -0.06 12.76
C ASN D 125 -16.39 -1.51 13.12
N GLU D 126 -15.97 -1.97 14.30
CA GLU D 126 -16.35 -3.26 14.86
C GLU D 126 -15.92 -4.44 14.00
N ASP D 127 -14.96 -4.22 13.11
CA ASP D 127 -14.57 -5.17 12.08
C ASP D 127 -13.23 -5.78 12.45
N ILE D 128 -13.17 -7.10 12.60
CA ILE D 128 -11.91 -7.75 12.96
C ILE D 128 -11.38 -8.58 11.80
N SER D 129 -11.75 -8.22 10.57
CA SER D 129 -11.26 -8.94 9.40
C SER D 129 -9.74 -8.93 9.37
N GLY D 130 -9.16 -10.05 8.96
CA GLY D 130 -7.72 -10.25 9.00
C GLY D 130 -7.34 -11.34 9.98
N ASN D 131 -6.09 -11.30 10.42
CA ASN D 131 -5.60 -12.30 11.36
C ASN D 131 -6.12 -12.00 12.74
N VAL D 132 -6.58 -13.04 13.44
CA VAL D 132 -7.17 -12.86 14.77
C VAL D 132 -6.16 -12.27 15.74
N ASP D 133 -4.87 -12.55 15.57
CA ASP D 133 -3.86 -12.05 16.51
C ASP D 133 -3.14 -10.80 16.01
N SER D 134 -3.60 -10.20 14.91
CA SER D 134 -2.89 -9.02 14.41
C SER D 134 -3.82 -8.01 13.73
N PHE D 135 -5.15 -8.19 13.76
CA PHE D 135 -6.05 -7.34 13.01
C PHE D 135 -5.98 -5.87 13.43
N TRP D 136 -5.70 -5.59 14.71
CA TRP D 136 -5.57 -4.20 15.13
C TRP D 136 -4.30 -3.54 14.63
N LEU D 137 -3.37 -4.31 14.06
CA LEU D 137 -2.12 -3.77 13.52
C LEU D 137 -2.07 -3.75 12.01
N ASP D 138 -2.74 -4.70 11.34
CA ASP D 138 -2.74 -4.72 9.88
C ASP D 138 -4.02 -5.33 9.29
N GLY D 139 -5.09 -5.42 10.07
CA GLY D 139 -6.36 -5.91 9.59
C GLY D 139 -7.32 -4.80 9.24
N GLY D 140 -8.62 -5.09 9.37
CA GLY D 140 -9.65 -4.20 8.90
C GLY D 140 -10.27 -3.27 9.93
N ILE D 141 -9.89 -3.36 11.20
CA ILE D 141 -10.49 -2.50 12.20
C ILE D 141 -10.00 -1.08 12.02
N ARG D 142 -10.89 -0.12 12.28
CA ARG D 142 -10.57 1.29 12.14
C ARG D 142 -11.31 2.05 13.23
N ILE D 143 -10.69 3.13 13.71
CA ILE D 143 -11.32 3.96 14.73
C ILE D 143 -10.79 5.39 14.58
N SER D 144 -11.69 6.33 14.81
CA SER D 144 -11.37 7.75 14.78
C SER D 144 -11.01 8.25 16.18
N ALA D 145 -10.35 9.41 16.23
CA ALA D 145 -10.04 10.04 17.51
C ALA D 145 -11.31 10.25 18.32
N THR D 146 -12.36 10.79 17.69
CA THR D 146 -13.61 11.03 18.40
C THR D 146 -14.30 9.73 18.79
N GLU D 147 -14.18 8.69 17.97
CA GLU D 147 -14.70 7.39 18.37
C GLU D 147 -13.92 6.82 19.56
N GLN D 148 -12.62 7.12 19.64
CA GLN D 148 -11.84 6.70 20.80
C GLN D 148 -12.37 7.34 22.07
N ILE D 149 -12.64 8.65 22.01
CA ILE D 149 -13.15 9.38 23.17
C ILE D 149 -14.50 8.80 23.59
N SER D 150 -15.41 8.65 22.63
CA SER D 150 -16.70 8.03 22.91
C SER D 150 -16.53 6.70 23.64
N PHE D 151 -15.54 5.90 23.22
CA PHE D 151 -15.25 4.65 23.89
C PHE D 151 -14.67 4.88 25.29
N LEU D 152 -13.72 5.81 25.40
CA LEU D 152 -13.07 6.05 26.70
C LEU D 152 -14.07 6.57 27.74
N ARG D 153 -15.01 7.42 27.30
CA ARG D 153 -16.00 7.94 28.24
C ARG D 153 -16.83 6.83 28.86
N LYS D 154 -17.21 5.83 28.05
CA LYS D 154 -17.94 4.69 28.58
C LYS D 154 -17.10 3.93 29.59
N LEU D 155 -15.82 3.72 29.29
CA LEU D 155 -14.92 3.04 30.22
C LEU D 155 -14.84 3.80 31.54
N TYR D 156 -14.63 5.12 31.47
CA TYR D 156 -14.48 5.92 32.68
C TYR D 156 -15.69 5.77 33.61
N HIS D 157 -16.90 5.73 33.06
CA HIS D 157 -18.12 5.62 33.84
C HIS D 157 -18.57 4.18 34.08
N ASN D 158 -17.74 3.19 33.73
CA ASN D 158 -18.08 1.77 33.95
C ASN D 158 -19.35 1.37 33.20
N LYS D 159 -19.47 1.81 31.96
CA LYS D 159 -20.69 1.60 31.19
C LYS D 159 -20.58 0.49 30.14
N LEU D 160 -19.40 -0.07 29.94
CA LEU D 160 -19.21 -1.08 28.89
C LEU D 160 -19.79 -2.42 29.32
N HIS D 161 -20.05 -3.27 28.31
CA HIS D 161 -20.64 -4.58 28.57
C HIS D 161 -19.64 -5.56 29.13
N VAL D 162 -18.97 -5.15 30.21
CA VAL D 162 -18.03 -5.99 30.93
C VAL D 162 -18.21 -5.65 32.39
N SER D 163 -17.89 -6.61 33.25
CA SER D 163 -17.94 -6.39 34.70
C SER D 163 -17.28 -5.06 35.05
N GLU D 164 -17.88 -4.36 36.01
CA GLU D 164 -17.21 -3.19 36.61
C GLU D 164 -15.79 -3.51 37.04
N ARG D 165 -15.55 -4.74 37.51
CA ARG D 165 -14.20 -5.13 37.92
C ARG D 165 -13.24 -5.09 36.74
N SER D 166 -13.65 -5.66 35.60
CA SER D 166 -12.83 -5.60 34.39
C SER D 166 -12.45 -4.16 34.07
N GLN D 167 -13.44 -3.26 34.08
CA GLN D 167 -13.20 -1.87 33.74
C GLN D 167 -12.27 -1.19 34.74
N ARG D 168 -12.44 -1.49 36.03
CA ARG D 168 -11.58 -0.90 37.05
C ARG D 168 -10.13 -1.35 36.90
N ILE D 169 -9.91 -2.61 36.52
CA ILE D 169 -8.55 -3.12 36.40
C ILE D 169 -7.84 -2.49 35.20
N VAL D 170 -8.56 -2.29 34.11
CA VAL D 170 -7.93 -1.70 32.92
C VAL D 170 -7.60 -0.25 33.15
N LYS D 171 -8.47 0.48 33.86
CA LYS D 171 -8.18 1.88 34.17
C LYS D 171 -6.98 2.00 35.10
N GLN D 172 -6.79 1.05 36.02
CA GLN D 172 -5.57 1.04 36.81
C GLN D 172 -4.35 0.78 35.93
N ALA D 173 -4.44 -0.19 35.03
CA ALA D 173 -3.33 -0.50 34.15
C ALA D 173 -3.03 0.63 33.18
N MET D 174 -3.98 1.53 32.94
CA MET D 174 -3.75 2.67 32.07
C MET D 174 -2.98 3.80 32.74
N LEU D 175 -2.79 3.74 34.06
CA LEU D 175 -2.08 4.79 34.79
C LEU D 175 -0.74 5.08 34.14
N THR D 176 -0.53 6.33 33.76
CA THR D 176 0.70 6.74 33.11
C THR D 176 1.50 7.76 33.91
N GLU D 177 0.82 8.72 34.55
CA GLU D 177 1.49 9.83 35.20
C GLU D 177 0.56 10.39 36.26
N ALA D 178 1.14 10.79 37.38
CA ALA D 178 0.35 11.33 38.48
C ALA D 178 1.24 12.17 39.38
N ASN D 179 0.72 13.32 39.80
CA ASN D 179 1.37 14.19 40.77
C ASN D 179 0.28 14.92 41.54
N GLY D 180 0.64 16.00 42.22
CA GLY D 180 -0.35 16.77 42.94
C GLY D 180 -1.32 17.52 42.05
N ASP D 181 -1.00 17.66 40.76
CA ASP D 181 -1.79 18.48 39.86
C ASP D 181 -2.80 17.69 39.03
N TYR D 182 -2.46 16.47 38.63
CA TYR D 182 -3.33 15.72 37.72
C TYR D 182 -2.93 14.25 37.72
N ILE D 183 -3.86 13.42 37.24
CA ILE D 183 -3.60 12.03 36.93
C ILE D 183 -3.87 11.82 35.45
N ILE D 184 -2.95 11.17 34.75
CA ILE D 184 -3.14 10.82 33.34
C ILE D 184 -3.27 9.32 33.24
N ARG D 185 -4.40 8.86 32.68
CA ARG D 185 -4.60 7.47 32.31
C ARG D 185 -4.70 7.43 30.78
N ALA D 186 -3.82 6.67 30.14
CA ALA D 186 -3.71 6.74 28.69
C ALA D 186 -3.08 5.47 28.15
N LYS D 187 -3.07 5.37 26.81
CA LYS D 187 -2.41 4.30 26.09
C LYS D 187 -1.80 4.85 24.81
N THR D 188 -0.52 4.59 24.60
CA THR D 188 0.14 4.92 23.34
C THR D 188 -0.15 3.86 22.27
N GLY D 189 0.09 4.25 21.01
CA GLY D 189 -0.04 3.34 19.89
C GLY D 189 0.78 3.83 18.73
N TYR D 190 1.26 2.90 17.90
CA TYR D 190 2.10 3.26 16.75
C TYR D 190 1.67 2.38 15.58
N SER D 191 0.93 2.99 14.65
CA SER D 191 0.48 2.32 13.43
C SER D 191 1.60 2.37 12.40
N THR D 192 2.16 1.20 12.06
CA THR D 192 3.26 1.15 11.09
C THR D 192 2.98 0.32 9.85
N ARG D 193 1.90 -0.45 9.80
CA ARG D 193 1.78 -1.43 8.72
C ARG D 193 1.01 -0.93 7.52
N ILE D 194 0.06 0.00 7.69
CA ILE D 194 -0.55 0.70 6.56
C ILE D 194 0.13 2.06 6.48
N GLU D 195 0.43 2.51 5.25
CA GLU D 195 1.35 3.63 5.11
C GLU D 195 0.97 4.99 5.71
N PRO D 196 -0.28 5.33 5.98
CA PRO D 196 -0.43 6.56 6.76
C PRO D 196 0.00 6.20 8.17
N LYS D 197 1.32 6.14 8.34
CA LYS D 197 1.92 5.69 9.59
C LYS D 197 1.75 6.76 10.65
N ILE D 198 1.08 6.40 11.73
CA ILE D 198 0.59 7.38 12.70
C ILE D 198 0.91 6.89 14.10
N GLY D 199 1.17 7.85 14.98
CA GLY D 199 1.29 7.58 16.40
C GLY D 199 0.02 8.06 17.10
N TRP D 200 -0.42 7.26 18.07
CA TRP D 200 -1.60 7.55 18.87
C TRP D 200 -1.22 7.89 20.29
N TRP D 201 -2.02 8.75 20.92
CA TRP D 201 -2.08 8.83 22.37
C TRP D 201 -3.51 9.17 22.74
N VAL D 202 -4.16 8.26 23.47
CA VAL D 202 -5.56 8.42 23.84
C VAL D 202 -5.68 8.17 25.34
N GLY D 203 -6.59 8.89 25.98
CA GLY D 203 -6.82 8.71 27.39
C GLY D 203 -7.58 9.85 28.02
N TRP D 204 -7.23 10.20 29.26
CA TRP D 204 -7.83 11.37 29.89
C TRP D 204 -6.94 11.88 31.00
N VAL D 205 -7.21 13.11 31.40
CA VAL D 205 -6.52 13.79 32.50
C VAL D 205 -7.54 13.96 33.61
N GLU D 206 -7.26 13.39 34.78
CA GLU D 206 -8.11 13.57 35.94
C GLU D 206 -7.65 14.77 36.74
N LEU D 207 -8.57 15.68 37.03
CA LEU D 207 -8.34 16.82 37.89
C LEU D 207 -9.28 16.72 39.09
N ASP D 208 -9.12 17.65 40.03
CA ASP D 208 -9.93 17.61 41.25
C ASP D 208 -11.42 17.63 40.94
N ASP D 209 -11.86 18.55 40.09
CA ASP D 209 -13.29 18.80 39.87
C ASP D 209 -13.77 18.42 38.47
N ASN D 210 -12.93 17.77 37.66
CA ASN D 210 -13.29 17.52 36.27
C ASN D 210 -12.35 16.44 35.71
N VAL D 211 -12.69 15.98 34.51
CA VAL D 211 -11.82 15.09 33.74
C VAL D 211 -11.85 15.55 32.29
N TRP D 212 -10.69 15.55 31.65
CA TRP D 212 -10.54 15.98 30.26
C TRP D 212 -10.13 14.76 29.43
N PHE D 213 -11.04 14.27 28.61
CA PHE D 213 -10.68 13.18 27.71
C PHE D 213 -9.91 13.72 26.52
N PHE D 214 -8.99 12.91 26.01
CA PHE D 214 -8.18 13.32 24.87
C PHE D 214 -7.90 12.12 23.97
N ALA D 215 -7.83 12.39 22.68
CA ALA D 215 -7.38 11.42 21.70
C ALA D 215 -6.62 12.18 20.61
N MET D 216 -5.39 11.76 20.36
CA MET D 216 -4.54 12.39 19.38
C MET D 216 -3.93 11.34 18.47
N ASN D 217 -3.73 11.71 17.21
CA ASN D 217 -2.87 10.94 16.33
C ASN D 217 -2.15 11.90 15.40
N MET D 218 -0.94 11.52 15.01
CA MET D 218 -0.08 12.34 14.18
C MET D 218 0.68 11.45 13.22
N ASP D 219 1.03 12.01 12.06
CA ASP D 219 1.92 11.31 11.15
C ASP D 219 3.28 11.06 11.80
N MET D 220 3.81 9.85 11.61
CA MET D 220 4.99 9.40 12.37
C MET D 220 5.82 8.51 11.45
N PRO D 221 6.75 9.10 10.70
CA PRO D 221 7.53 8.31 9.72
C PRO D 221 8.53 7.38 10.37
N THR D 222 9.04 7.72 11.56
CA THR D 222 10.02 6.90 12.27
C THR D 222 9.71 6.82 13.76
N SER D 223 10.46 5.94 14.44
CA SER D 223 10.29 5.74 15.87
C SER D 223 10.87 6.89 16.69
N ASP D 224 11.78 7.66 16.12
CA ASP D 224 12.48 8.68 16.89
C ASP D 224 11.57 9.83 17.31
N GLY D 225 10.47 10.07 16.59
CA GLY D 225 9.54 11.11 16.94
C GLY D 225 8.43 10.73 17.89
N LEU D 226 8.45 9.52 18.48
CA LEU D 226 7.31 9.05 19.25
C LEU D 226 7.03 9.92 20.46
N GLY D 227 8.08 10.48 21.07
CA GLY D 227 7.90 11.36 22.21
C GLY D 227 7.05 12.58 21.92
N LEU D 228 6.86 12.92 20.64
CA LEU D 228 6.09 14.09 20.28
C LEU D 228 4.60 13.89 20.53
N ARG D 229 4.14 12.64 20.62
CA ARG D 229 2.74 12.39 20.96
C ARG D 229 2.39 12.99 22.32
N GLN D 230 3.16 12.65 23.35
CA GLN D 230 2.91 13.20 24.68
C GLN D 230 3.26 14.68 24.72
N ALA D 231 4.36 15.08 24.07
CA ALA D 231 4.84 16.45 24.18
C ALA D 231 3.86 17.43 23.54
N ILE D 232 3.39 17.13 22.33
CA ILE D 232 2.43 18.02 21.66
C ILE D 232 1.11 18.04 22.43
N THR D 233 0.63 16.86 22.83
CA THR D 233 -0.58 16.79 23.64
C THR D 233 -0.47 17.65 24.89
N LYS D 234 0.70 17.60 25.56
CA LYS D 234 0.85 18.35 26.79
C LYS D 234 0.94 19.85 26.53
N GLU D 235 1.61 20.24 25.44
CA GLU D 235 1.64 21.65 25.07
C GLU D 235 0.25 22.20 24.81
N VAL D 236 -0.65 21.36 24.29
CA VAL D 236 -2.04 21.77 24.10
C VAL D 236 -2.75 21.87 25.45
N LEU D 237 -2.50 20.91 26.35
CA LEU D 237 -3.14 20.96 27.66
C LEU D 237 -2.64 22.15 28.46
N LYS D 238 -1.39 22.55 28.25
CA LYS D 238 -0.84 23.72 28.93
C LYS D 238 -1.30 25.03 28.29
N GLN D 239 -1.68 25.02 27.01
CA GLN D 239 -2.25 26.23 26.42
C GLN D 239 -3.67 26.46 26.92
N GLU D 240 -4.48 25.40 26.96
CA GLU D 240 -5.83 25.47 27.52
C GLU D 240 -5.82 25.55 29.03
N LYS D 241 -4.64 25.60 29.66
CA LYS D 241 -4.51 25.64 31.12
C LYS D 241 -5.21 24.45 31.75
N ILE D 242 -5.13 23.29 31.11
CA ILE D 242 -5.70 22.09 31.72
C ILE D 242 -4.73 21.47 32.72
N ILE D 243 -3.44 21.49 32.41
CA ILE D 243 -2.39 21.18 33.39
C ILE D 243 -1.55 22.43 33.56
N PRO D 244 -0.81 22.56 34.69
CA PRO D 244 0.06 23.72 34.88
C PRO D 244 1.30 23.67 34.00
C4 QHY E . -7.35 -17.70 -1.35
C5 QHY E . -7.09 -17.35 -2.66
C6 QHY E . -7.29 -18.26 -3.69
N1 QHY E . -7.51 -22.22 -6.64
C7 QHY E . -7.75 -19.54 -3.40
C8 QHY E . -8.33 -20.10 -5.70
N2 QHY E . -7.80 -22.56 -8.90
C9 QHY E . -8.65 -21.29 -6.58
C10 QHY E . -6.98 -22.59 -5.34
C11 QHY E . -6.68 -21.36 -4.52
C12 QHY E . -7.21 -22.93 -7.76
N3 QHY E . -6.70 -24.45 -9.91
C13 QHY E . -7.49 -23.37 -9.92
C14 QHY E . -6.15 -24.68 -8.72
C15 QHY E . -4.63 -26.11 -7.37
N4 QHY E . -6.38 -23.96 -7.60
N QHY E . -7.86 -20.53 -4.38
C QHY E . -9.05 -23.05 -0.61
O QHY E . -8.53 -21.14 -1.88
C1 QHY E . -8.45 -21.70 -0.55
C16 QHY E . -3.15 -25.86 -7.56
C17 QHY E . -2.61 -26.71 -8.72
C18 QHY E . -3.41 -26.39 -10.00
C19 QHY E . -4.91 -26.56 -9.75
C2 QHY E . -8.04 -19.88 -2.07
C20 QHY E . -1.14 -26.49 -8.93
C3 QHY E . -7.84 -18.96 -1.06
N5 QHY E . -5.34 -25.74 -8.61
O1 QHY E . -0.35 -26.37 -8.02
O2 QHY E . -0.80 -26.44 -10.19
C1 EDO F . 22.59 -19.02 -7.84
O1 EDO F . 22.20 -18.77 -6.48
C2 EDO F . 21.37 -19.41 -8.66
O2 EDO F . 20.35 -18.42 -8.48
C4 QHY G . -12.63 2.86 -14.24
C5 QHY G . -13.40 2.10 -13.39
C6 QHY G . -14.72 1.84 -13.70
N1 QHY G . -19.39 1.89 -14.26
C7 QHY G . -15.28 2.33 -14.88
C8 QHY G . -17.19 0.85 -14.55
N2 QHY G . -21.38 0.76 -14.19
C9 QHY G . -18.67 0.73 -14.82
C10 QHY G . -18.58 3.11 -14.24
C11 QHY G . -17.58 3.11 -15.38
C12 QHY G . -20.74 1.93 -14.17
N3 QHY G . -23.41 2.01 -13.92
C13 QHY G . -22.70 0.89 -14.04
C14 QHY G . -22.64 3.11 -13.95
C15 QHY G . -22.54 5.57 -13.88
N4 QHY G . -21.31 3.13 -14.07
N QHY G . -16.62 2.01 -15.24
C QHY G . -15.58 3.90 -19.10
O QHY G . -15.12 3.65 -16.82
C1 QHY G . -14.77 3.16 -18.12
C16 QHY G . -23.13 6.58 -12.91
C17 QHY G . -24.23 5.94 -12.07
C18 QHY G . -25.33 5.38 -12.99
C19 QHY G . -24.71 4.47 -14.05
C2 QHY G . -14.50 3.12 -15.72
C20 QHY G . -24.80 6.94 -11.09
C3 QHY G . -13.16 3.37 -15.42
N5 QHY G . -23.27 4.30 -13.83
O1 QHY G . -24.28 8.03 -10.89
O2 QHY G . -25.89 6.53 -10.49
C1 EDO H . 1.02 11.97 -5.57
O1 EDO H . 2.13 12.48 -4.81
C2 EDO H . 0.06 13.11 -5.90
O2 EDO H . 0.74 14.10 -6.68
C4 QHY I . 3.73 11.51 -8.21
C5 QHY I . 4.28 10.80 -7.17
C6 QHY I . 5.27 11.34 -6.38
N1 QHY I . 8.98 13.77 -4.16
C7 QHY I . 5.73 12.64 -6.63
C8 QHY I . 6.56 13.41 -4.39
N2 QHY I . 9.84 14.14 -2.07
C9 QHY I . 7.82 13.03 -3.65
C10 QHY I . 9.15 13.62 -5.61
C11 QHY I . 7.89 13.97 -6.36
C12 QHY I . 10.04 14.04 -3.39
N3 QHY I . 12.20 14.56 -1.87
C13 QHY I . 10.96 14.40 -1.39
C14 QHY I . 12.26 14.44 -3.21
C15 QHY I . 13.65 14.50 -5.23
N4 QHY I . 11.23 14.18 -4.01
N QHY I . 6.75 13.21 -5.82
C QHY I . 5.74 16.75 -8.91
O QHY I . 5.60 14.65 -7.85
C1 QHY I . 5.08 15.41 -8.94
C16 QHY I . 15.09 14.17 -5.57
C17 QHY I . 15.74 13.43 -4.39
C18 QHY I . 15.82 14.36 -3.18
C19 QHY I . 14.60 15.26 -3.12
C2 QHY I . 5.15 13.37 -7.68
C20 QHY I . 17.11 12.90 -4.78
C3 QHY I . 4.16 12.81 -8.47
N5 QHY I . 13.47 14.61 -3.78
O1 QHY I . 17.25 12.04 -5.61
O2 QHY I . 18.07 13.44 -4.11
C1 GOL J . 13.19 -8.07 -13.83
O1 GOL J . 11.90 -7.69 -13.46
C2 GOL J . 14.18 -7.42 -12.83
O2 GOL J . 13.93 -7.81 -11.52
C3 GOL J . 15.59 -7.82 -13.33
O3 GOL J . 16.45 -7.79 -12.24
CL CL K . 31.82 16.34 -18.84
C4 QHY L . 1.86 -7.48 12.60
C5 QHY L . 2.06 -6.23 12.06
C6 QHY L . 2.95 -5.35 12.66
N1 QHY L . 5.98 -2.79 15.74
C7 QHY L . 3.61 -5.72 13.83
C8 QHY L . 5.30 -3.95 13.68
N2 QHY L . 7.35 -0.98 15.47
C9 QHY L . 6.46 -3.41 14.50
C10 QHY L . 5.09 -3.64 16.52
C11 QHY L . 3.96 -4.17 15.66
C12 QHY L . 6.52 -1.68 16.26
N3 QHY L . 7.64 0.51 17.34
C13 QHY L . 7.87 0.08 16.10
C14 QHY L . 6.76 -0.26 18.00
C15 QHY L . 5.47 -0.61 20.07
N4 QHY L . 6.17 -1.36 17.51
N QHY L . 4.49 -4.86 14.49
C QHY L . 4.81 -8.62 17.29
O QHY L . 4.15 -7.31 15.46
C1 QHY L . 3.87 -8.52 16.17
C16 QHY L . 4.31 0.32 20.41
C17 QHY L . 4.83 1.55 21.14
C18 QHY L . 5.90 2.25 20.29
C19 QHY L . 7.00 1.27 19.94
C2 QHY L . 3.41 -7.00 14.35
C20 QHY L . 3.71 2.51 21.47
C3 QHY L . 2.51 -7.87 13.75
N5 QHY L . 6.44 0.11 19.25
O1 QHY L . 3.80 3.71 21.29
O2 QHY L . 2.65 1.92 21.97
CL CL M . 6.18 -9.85 36.13
CL CL N . -4.87 3.88 39.96
#